data_7PIJ
#
_entry.id   7PIJ
#
_cell.length_a   1.00
_cell.length_b   1.00
_cell.length_c   1.00
_cell.angle_alpha   90.00
_cell.angle_beta   90.00
_cell.angle_gamma   90.00
#
_symmetry.space_group_name_H-M   'P 1'
#
loop_
_entity.id
_entity.type
_entity.pdbx_description
1 polymer 'NabFab HC'
2 polymer 'NabFab LC'
3 polymer 'Divalent metal cation transporter MntH'
4 polymer DMTNb16_4
5 polymer 'Anti-Fab nanobody'
6 water water
#
loop_
_entity_poly.entity_id
_entity_poly.type
_entity_poly.pdbx_seq_one_letter_code
_entity_poly.pdbx_strand_id
1 'polypeptide(L)'
;EISEVQLVESGGGLVQPGGSLRLSCAASGFNFSYYSIHWVRQAPGKGLEWVAYISSSSSYTSYADSVKGRFTISADTSKN
TAYLQMNSLRAEDTAVYYCARGYQYWQYHASWYWNGGLDYWGQGTLVTVSSASTKGPSVFPLAPSSKSTSGGTAALGCLV
KDYFPEPVTVSWNSGALTSGVHTFPAVLQSSGLYSLSSVVTVPSSSLGTQTYICNVNHKPSNTKVDKKVEPKSCDKTHT
;
H
2 'polypeptide(L)'
;SDIQMTQSPSSLSASVGDRVTITCRASQSVSSAVAWYQQKPGKAPKLLIYSASSLYSGVPSRFSGSRSGTDFTLTISSLQ
PEDFATYYCQQSSSSLITFGQGTKVEIKRTVAAPSVFIFPPSDSQLKSGTASVVCLLNNFYPREAKVQWKVDNALQSGNS
QESVTEQDSKDSTYSLSSTLTLSKADYEKHKVYACEVTHQGLSSPVTKSFNRGEC
;
L
3 'polypeptide(L)'
;MSVAVGYMDPGNWITSMQGGAQYGYTLLFVILISSLAAMLLQSMTVRLGIATGKDLAQMTRHFLSKPVAIIFWIIAELAI
IATDIAEVIGSAIALDLIFGIPLIVGALITVFDVFLLLFIMRFGFRKIEAIVGTLIFTVLAIFVFEVFISSPQLTDILNG
FVPHKEIVTNQGILYIALGIIGATIMPHNLYLHSSIVQSRKYDRHDNQEKAQAIKYATIDSNLQLSIAFVVNCLLLTLGA
ALFFGTKTNDLGGFYDLYHALKTEPVLGATLGGIMSTLFAVALLASGQNSTITGTLAGQIVMEGFLRLSIPNWLRRLITR
ALAVIPVIICLIIFKGNSEKIEQLLVFSQVFLSIALPFSLIPLQLATSNKKLMGPFINKTWVNIISWTLIVILSGLNVYL
IIQTFQELALEVLFQGPHHHHHHHHHH
;
B
4 'polypeptide(L)'
;QRQLVESGGGLVQPGGSLRLSCAASRSIFSIDTAGWFRQAPGKEREGVATITRDGNANYADSVKGRFTISRDRARNTVYL
QMNSLEPEDTAVYYCNAAIRTTVRTSAQEYWGKGTPVTVSSHHHHHHEPEA
;
N
5 'polypeptide(L)'
;GSQVQLQESGGGLVQPGGSLRLSCAASGRTISRYAMSWFRQAPGKEREFVAVARRSGDGAFYADSVQGRFTVSRDDAKNT
VYLQMNSLKPEDTAVYYCAIDSDTFYSGSYDYWGQGTQVTVSS
;
K
#
# COMPACT_ATOMS: atom_id res chain seq x y z
N VAL A 5 23.50 2.17 4.85
CA VAL A 5 22.86 1.14 4.04
C VAL A 5 23.76 0.79 2.88
N GLN A 6 24.74 -0.05 3.13
CA GLN A 6 25.85 -0.25 2.20
C GLN A 6 25.83 -1.67 1.68
N LEU A 7 25.06 -1.92 0.63
CA LEU A 7 25.17 -3.18 -0.07
C LEU A 7 26.58 -3.34 -0.62
N VAL A 8 27.08 -4.56 -0.65
CA VAL A 8 28.42 -4.80 -1.19
C VAL A 8 28.42 -6.12 -1.94
N GLU A 9 28.77 -6.09 -3.21
CA GLU A 9 28.92 -7.31 -3.96
C GLU A 9 30.34 -7.83 -3.83
N SER A 10 30.51 -9.13 -4.07
CA SER A 10 31.85 -9.70 -4.14
C SER A 10 31.79 -11.08 -4.75
N GLY A 11 32.92 -11.50 -5.32
CA GLY A 11 33.05 -12.85 -5.81
C GLY A 11 33.12 -12.96 -7.31
N GLY A 12 33.73 -11.99 -7.98
CA GLY A 12 33.79 -12.05 -9.43
C GLY A 12 35.19 -12.07 -9.99
N GLY A 13 35.60 -13.20 -10.55
CA GLY A 13 36.91 -13.33 -11.14
C GLY A 13 36.87 -13.68 -12.61
N LEU A 14 37.22 -14.92 -12.92
CA LEU A 14 37.24 -15.43 -14.28
C LEU A 14 36.89 -16.90 -14.24
N VAL A 15 36.01 -17.33 -15.15
CA VAL A 15 35.51 -18.69 -15.15
C VAL A 15 35.62 -19.28 -16.55
N GLN A 16 35.90 -20.57 -16.61
CA GLN A 16 35.81 -21.32 -17.85
C GLN A 16 34.36 -21.65 -18.16
N PRO A 17 34.00 -21.78 -19.43
CA PRO A 17 32.60 -22.02 -19.78
C PRO A 17 32.09 -23.30 -19.15
N GLY A 18 30.80 -23.30 -18.82
CA GLY A 18 30.18 -24.42 -18.16
C GLY A 18 30.50 -24.55 -16.69
N GLY A 19 31.44 -23.77 -16.18
CA GLY A 19 31.86 -23.89 -14.80
C GLY A 19 30.81 -23.44 -13.80
N SER A 20 31.25 -23.11 -12.59
CA SER A 20 30.33 -22.71 -11.54
C SER A 20 31.02 -21.69 -10.65
N LEU A 21 30.20 -20.88 -9.96
CA LEU A 21 30.76 -19.81 -9.16
C LEU A 21 29.69 -19.27 -8.22
N ARG A 22 30.12 -18.86 -7.04
CA ARG A 22 29.25 -18.23 -6.08
C ARG A 22 29.46 -16.73 -6.08
N LEU A 23 28.42 -16.01 -5.70
CA LEU A 23 28.45 -14.56 -5.60
C LEU A 23 27.83 -14.14 -4.29
N SER A 24 28.51 -13.24 -3.57
CA SER A 24 28.14 -12.87 -2.22
C SER A 24 27.64 -11.44 -2.22
N CYS A 25 26.51 -11.20 -1.55
CA CYS A 25 25.92 -9.88 -1.46
C CYS A 25 25.82 -9.50 0.00
N ALA A 26 26.89 -8.92 0.54
CA ALA A 26 26.91 -8.57 1.95
C ALA A 26 26.02 -7.37 2.19
N ALA A 27 25.04 -7.52 3.05
CA ALA A 27 24.18 -6.43 3.46
C ALA A 27 24.74 -5.82 4.73
N SER A 28 24.04 -4.80 5.23
CA SER A 28 24.45 -4.12 6.43
C SER A 28 23.37 -3.12 6.81
N GLY A 29 23.32 -2.77 8.09
CA GLY A 29 22.47 -1.69 8.53
C GLY A 29 21.02 -2.07 8.70
N PHE A 30 20.30 -2.21 7.60
CA PHE A 30 18.86 -2.43 7.69
C PHE A 30 18.57 -3.81 8.24
N ASN A 31 17.44 -3.94 8.91
CA ASN A 31 17.03 -5.22 9.46
C ASN A 31 16.77 -6.19 8.33
N PHE A 32 17.69 -7.11 8.10
CA PHE A 32 17.68 -7.85 6.85
C PHE A 32 16.42 -8.67 6.65
N SER A 33 15.72 -9.01 7.73
CA SER A 33 14.55 -9.85 7.56
C SER A 33 13.35 -9.10 7.03
N TYR A 34 13.51 -7.84 6.65
CA TYR A 34 12.40 -7.07 6.15
C TYR A 34 12.41 -6.88 4.65
N TYR A 35 13.56 -7.03 4.01
CA TYR A 35 13.69 -6.60 2.63
C TYR A 35 14.12 -7.77 1.77
N SER A 36 13.76 -7.70 0.50
CA SER A 36 14.16 -8.74 -0.45
C SER A 36 15.58 -8.49 -0.89
N ILE A 37 16.01 -9.21 -1.91
CA ILE A 37 17.28 -9.00 -2.59
C ILE A 37 17.09 -9.39 -4.04
N HIS A 38 17.42 -8.50 -4.97
CA HIS A 38 17.32 -8.82 -6.38
C HIS A 38 18.68 -8.77 -7.01
N TRP A 39 18.90 -9.62 -7.99
CA TRP A 39 20.14 -9.61 -8.74
C TRP A 39 19.84 -9.14 -10.16
N VAL A 40 20.28 -7.94 -10.48
CA VAL A 40 20.06 -7.34 -11.77
C VAL A 40 21.36 -7.40 -12.55
N ARG A 41 21.31 -7.96 -13.74
CA ARG A 41 22.48 -8.19 -14.56
C ARG A 41 22.54 -7.12 -15.64
N GLN A 42 23.72 -6.89 -16.17
CA GLN A 42 23.86 -5.99 -17.31
C GLN A 42 24.97 -6.51 -18.20
N ALA A 43 24.62 -6.90 -19.40
CA ALA A 43 25.59 -7.30 -20.40
C ALA A 43 26.47 -6.10 -20.73
N PRO A 44 27.55 -6.25 -21.49
CA PRO A 44 28.35 -5.07 -21.84
C PRO A 44 27.66 -4.27 -22.94
N GLY A 45 27.36 -3.01 -22.64
CA GLY A 45 26.75 -2.13 -23.61
C GLY A 45 25.34 -2.51 -24.01
N LYS A 46 24.53 -2.96 -23.06
CA LYS A 46 23.12 -3.23 -23.32
C LYS A 46 22.32 -2.69 -22.14
N GLY A 47 21.05 -3.01 -22.12
CA GLY A 47 20.17 -2.59 -21.05
C GLY A 47 20.08 -3.63 -19.98
N LEU A 48 19.72 -3.19 -18.78
CA LEU A 48 19.67 -4.08 -17.64
C LEU A 48 18.71 -5.23 -17.88
N GLU A 49 18.79 -6.24 -17.03
CA GLU A 49 17.99 -7.43 -17.18
C GLU A 49 17.89 -8.14 -15.84
N TRP A 50 16.68 -8.41 -15.41
CA TRP A 50 16.47 -8.95 -14.08
C TRP A 50 16.78 -10.43 -14.07
N VAL A 51 17.36 -10.94 -12.98
CA VAL A 51 17.83 -12.32 -13.01
C VAL A 51 17.35 -13.19 -11.87
N ALA A 52 17.11 -12.63 -10.69
CA ALA A 52 16.75 -13.51 -9.58
C ALA A 52 16.14 -12.69 -8.47
N TYR A 53 15.69 -13.37 -7.43
CA TYR A 53 14.98 -12.70 -6.36
C TYR A 53 14.86 -13.64 -5.18
N ILE A 54 15.30 -13.18 -4.00
CA ILE A 54 15.27 -14.00 -2.80
C ILE A 54 14.80 -13.16 -1.63
N SER A 55 13.82 -13.67 -0.91
CA SER A 55 13.29 -12.96 0.25
C SER A 55 14.03 -13.41 1.50
N SER A 56 13.50 -13.05 2.65
CA SER A 56 14.15 -13.39 3.93
C SER A 56 14.39 -14.88 4.05
N SER A 57 13.32 -15.66 4.02
CA SER A 57 13.41 -17.11 4.08
C SER A 57 13.80 -17.62 2.71
N SER A 58 13.69 -18.93 2.53
CA SER A 58 13.81 -19.52 1.20
C SER A 58 12.46 -19.92 0.62
N SER A 59 11.37 -19.62 1.33
CA SER A 59 10.05 -19.95 0.83
C SER A 59 9.58 -19.03 -0.27
N TYR A 60 10.34 -17.98 -0.59
CA TYR A 60 10.04 -17.12 -1.70
C TYR A 60 11.23 -17.11 -2.63
N THR A 61 11.01 -17.45 -3.89
CA THR A 61 12.07 -17.32 -4.87
C THR A 61 11.45 -17.40 -6.25
N SER A 62 11.54 -16.34 -7.01
CA SER A 62 11.20 -16.42 -8.41
C SER A 62 12.47 -16.62 -9.21
N TYR A 63 12.37 -16.50 -10.52
CA TYR A 63 13.56 -16.63 -11.35
C TYR A 63 13.27 -15.94 -12.67
N ALA A 64 14.28 -15.91 -13.53
CA ALA A 64 14.13 -15.35 -14.86
C ALA A 64 14.51 -16.42 -15.87
N ASP A 65 13.78 -16.44 -16.99
CA ASP A 65 13.88 -17.55 -17.92
C ASP A 65 15.29 -17.73 -18.44
N SER A 66 16.09 -16.66 -18.45
CA SER A 66 17.44 -16.77 -18.97
C SER A 66 18.25 -17.77 -18.17
N VAL A 67 18.05 -17.79 -16.85
CA VAL A 67 18.80 -18.72 -16.01
C VAL A 67 17.82 -19.59 -15.26
N LYS A 68 16.68 -19.88 -15.86
CA LYS A 68 15.72 -20.76 -15.20
C LYS A 68 16.33 -22.15 -15.06
N GLY A 69 16.71 -22.49 -13.84
CA GLY A 69 17.28 -23.81 -13.59
C GLY A 69 18.78 -23.81 -13.47
N ARG A 70 19.47 -23.06 -14.33
CA ARG A 70 20.92 -23.06 -14.25
C ARG A 70 21.44 -22.37 -13.01
N PHE A 71 20.62 -21.59 -12.32
CA PHE A 71 21.05 -20.74 -11.22
C PHE A 71 20.32 -21.11 -9.94
N THR A 72 21.05 -21.16 -8.83
CA THR A 72 20.45 -21.43 -7.54
C THR A 72 20.71 -20.25 -6.62
N ILE A 73 19.64 -19.63 -6.16
CA ILE A 73 19.76 -18.54 -5.21
C ILE A 73 19.73 -19.14 -3.82
N SER A 74 20.22 -18.39 -2.84
CA SER A 74 20.16 -18.86 -1.47
C SER A 74 20.35 -17.70 -0.52
N ALA A 75 19.82 -17.85 0.68
CA ALA A 75 19.89 -16.79 1.68
C ALA A 75 20.51 -17.32 2.95
N ASP A 76 20.98 -16.41 3.80
CA ASP A 76 21.48 -16.77 5.12
C ASP A 76 21.32 -15.55 6.02
N THR A 77 20.24 -15.52 6.81
CA THR A 77 20.03 -14.37 7.68
C THR A 77 21.01 -14.32 8.83
N SER A 78 21.87 -15.32 8.98
CA SER A 78 22.87 -15.28 10.04
C SER A 78 23.78 -14.05 9.89
N LYS A 79 24.32 -13.85 8.69
CA LYS A 79 25.14 -12.71 8.39
C LYS A 79 24.50 -11.79 7.38
N ASN A 80 23.17 -11.77 7.34
CA ASN A 80 22.39 -10.96 6.41
C ASN A 80 22.78 -11.21 4.97
N THR A 81 23.44 -12.33 4.68
CA THR A 81 24.08 -12.51 3.39
C THR A 81 23.15 -13.20 2.40
N ALA A 82 23.39 -12.95 1.12
CA ALA A 82 22.70 -13.65 0.05
C ALA A 82 23.74 -14.18 -0.91
N TYR A 83 23.45 -15.34 -1.49
CA TYR A 83 24.40 -16.05 -2.33
C TYR A 83 23.75 -16.44 -3.64
N LEU A 84 24.47 -16.23 -4.72
CA LEU A 84 24.08 -16.75 -6.01
C LEU A 84 25.01 -17.89 -6.38
N GLN A 85 24.46 -18.92 -7.00
CA GLN A 85 25.19 -20.14 -7.32
C GLN A 85 24.97 -20.43 -8.80
N MET A 86 25.93 -20.05 -9.63
CA MET A 86 25.80 -20.19 -11.06
C MET A 86 26.53 -21.43 -11.54
N ASN A 87 25.86 -22.19 -12.41
CA ASN A 87 26.40 -23.42 -12.92
C ASN A 87 26.13 -23.50 -14.42
N SER A 88 26.96 -24.26 -15.11
CA SER A 88 26.88 -24.38 -16.56
C SER A 88 26.93 -23.01 -17.21
N LEU A 89 28.00 -22.29 -16.92
CA LEU A 89 28.16 -20.96 -17.46
C LEU A 89 28.32 -21.00 -18.97
N ARG A 90 27.57 -20.14 -19.65
CA ARG A 90 27.60 -20.06 -21.10
C ARG A 90 28.46 -18.88 -21.51
N ALA A 91 28.92 -18.93 -22.76
CA ALA A 91 29.88 -17.94 -23.24
C ALA A 91 29.32 -16.52 -23.21
N GLU A 92 28.01 -16.37 -23.19
CA GLU A 92 27.44 -15.04 -23.25
C GLU A 92 27.22 -14.42 -21.88
N ASP A 93 27.14 -15.22 -20.82
CA ASP A 93 26.75 -14.70 -19.52
C ASP A 93 27.69 -13.63 -18.99
N THR A 94 28.82 -13.39 -19.66
CA THR A 94 29.72 -12.33 -19.25
C THR A 94 28.94 -11.04 -19.06
N ALA A 95 29.12 -10.42 -17.91
CA ALA A 95 28.21 -9.34 -17.53
C ALA A 95 28.81 -8.60 -16.36
N VAL A 96 28.01 -7.76 -15.73
CA VAL A 96 28.40 -7.02 -14.54
C VAL A 96 27.20 -7.11 -13.60
N TYR A 97 27.26 -8.03 -12.65
CA TYR A 97 26.09 -8.31 -11.83
C TYR A 97 26.05 -7.37 -10.63
N TYR A 98 24.86 -7.10 -10.16
CA TYR A 98 24.60 -6.09 -9.14
C TYR A 98 23.94 -6.70 -7.93
N CYS A 99 23.51 -5.84 -7.02
CA CYS A 99 22.56 -6.21 -5.98
C CYS A 99 21.53 -5.09 -5.92
N ALA A 100 20.42 -5.33 -5.25
CA ALA A 100 19.45 -4.26 -5.12
C ALA A 100 18.47 -4.58 -4.03
N ARG A 101 18.33 -3.68 -3.07
CA ARG A 101 17.37 -3.91 -2.03
C ARG A 101 15.98 -3.75 -2.60
N GLY A 102 14.98 -3.99 -1.78
CA GLY A 102 13.61 -3.92 -2.28
C GLY A 102 12.64 -4.66 -1.39
N TYR A 103 11.37 -4.28 -1.47
CA TYR A 103 10.38 -4.74 -0.51
C TYR A 103 10.35 -6.25 -0.40
N GLN A 104 9.91 -6.74 0.75
CA GLN A 104 9.86 -8.18 0.97
C GLN A 104 8.70 -8.80 0.23
N TYR A 105 7.49 -8.36 0.54
CA TYR A 105 6.30 -8.92 -0.11
C TYR A 105 6.03 -8.20 -1.42
N TRP A 106 7.06 -8.13 -2.26
CA TRP A 106 6.94 -7.30 -3.44
C TRP A 106 5.98 -7.86 -4.47
N GLN A 107 5.46 -9.06 -4.29
CA GLN A 107 4.46 -9.57 -5.22
C GLN A 107 3.04 -9.23 -4.80
N TYR A 108 2.67 -9.60 -3.57
CA TYR A 108 1.35 -9.29 -3.04
C TYR A 108 0.99 -7.83 -3.20
N HIS A 109 1.96 -6.93 -3.29
CA HIS A 109 1.69 -5.52 -3.50
C HIS A 109 1.41 -5.18 -4.95
N ALA A 110 2.35 -5.48 -5.84
CA ALA A 110 2.38 -4.89 -7.18
C ALA A 110 1.02 -4.91 -7.83
N SER A 111 0.60 -3.77 -8.35
CA SER A 111 -0.72 -3.64 -8.92
C SER A 111 -0.72 -2.49 -9.90
N TRP A 112 -1.88 -2.24 -10.49
CA TRP A 112 -1.99 -1.19 -11.50
C TRP A 112 -1.73 0.20 -10.94
N TYR A 113 -1.45 0.34 -9.66
CA TYR A 113 -1.23 1.68 -9.13
C TYR A 113 -0.12 1.75 -8.10
N TRP A 114 0.84 0.83 -8.12
CA TRP A 114 1.93 0.90 -7.17
C TRP A 114 3.07 0.02 -7.64
N ASN A 115 4.29 0.49 -7.49
CA ASN A 115 5.45 -0.32 -7.86
C ASN A 115 6.65 0.10 -7.02
N GLY A 116 7.15 -0.82 -6.20
CA GLY A 116 8.05 -0.43 -5.13
C GLY A 116 9.37 0.11 -5.63
N GLY A 117 9.96 -0.57 -6.60
CA GLY A 117 11.25 -0.14 -7.09
C GLY A 117 12.40 -0.70 -6.27
N LEU A 118 13.61 -0.39 -6.72
CA LEU A 118 14.82 -0.93 -6.11
C LEU A 118 15.64 0.21 -5.54
N ASP A 119 15.53 0.41 -4.23
CA ASP A 119 16.08 1.59 -3.60
C ASP A 119 17.59 1.68 -3.72
N TYR A 120 18.31 0.79 -3.06
CA TYR A 120 19.75 0.93 -2.87
C TYR A 120 20.47 -0.08 -3.74
N TRP A 121 21.39 0.40 -4.55
CA TRP A 121 22.09 -0.50 -5.43
C TRP A 121 23.53 -0.63 -4.98
N GLY A 122 24.12 -1.76 -5.31
CA GLY A 122 25.49 -1.98 -4.90
C GLY A 122 26.44 -1.25 -5.82
N GLN A 123 27.52 -1.89 -6.19
CA GLN A 123 28.47 -1.29 -7.11
C GLN A 123 28.89 -2.20 -8.23
N GLY A 124 28.62 -3.49 -8.13
CA GLY A 124 28.79 -4.33 -9.29
C GLY A 124 30.10 -5.07 -9.29
N THR A 125 30.03 -6.36 -9.61
CA THR A 125 31.19 -7.18 -9.86
C THR A 125 31.20 -7.57 -11.32
N LEU A 126 32.36 -7.98 -11.80
CA LEU A 126 32.50 -8.29 -13.21
C LEU A 126 32.81 -9.77 -13.35
N VAL A 127 31.78 -10.58 -13.43
CA VAL A 127 31.98 -11.94 -13.91
C VAL A 127 32.44 -11.85 -15.36
N THR A 128 33.19 -12.85 -15.79
CA THR A 128 33.56 -12.92 -17.19
C THR A 128 33.85 -14.37 -17.56
N VAL A 129 33.14 -14.86 -18.55
CA VAL A 129 33.31 -16.23 -19.01
C VAL A 129 34.14 -16.22 -20.27
N SER A 130 35.10 -17.13 -20.35
CA SER A 130 35.95 -17.23 -21.53
C SER A 130 36.73 -18.52 -21.44
N SER A 131 37.50 -18.78 -22.49
CA SER A 131 38.35 -19.96 -22.56
C SER A 131 39.82 -19.60 -22.63
N ALA A 132 39.42 -17.71 -22.35
CA ALA A 132 40.59 -17.07 -22.95
C ALA A 132 41.58 -16.81 -21.84
N SER A 133 42.84 -16.98 -22.16
CA SER A 133 43.89 -16.78 -21.17
C SER A 133 44.54 -15.41 -21.28
N THR A 134 45.31 -15.09 -20.27
CA THR A 134 45.95 -13.79 -20.19
C THR A 134 46.96 -13.65 -21.33
N LYS A 135 46.94 -12.53 -22.02
CA LYS A 135 47.81 -12.34 -23.18
C LYS A 135 47.99 -10.85 -23.44
N GLY A 136 49.24 -10.41 -23.57
CA GLY A 136 49.57 -9.05 -23.92
C GLY A 136 49.29 -8.75 -25.40
N PRO A 137 49.04 -7.49 -25.71
CA PRO A 137 48.74 -7.07 -27.09
C PRO A 137 49.97 -7.12 -27.97
N SER A 138 49.73 -7.37 -29.26
CA SER A 138 50.62 -6.91 -30.31
C SER A 138 50.33 -5.45 -30.60
N VAL A 139 51.36 -4.65 -30.87
CA VAL A 139 51.18 -3.23 -31.12
C VAL A 139 51.74 -2.91 -32.50
N PHE A 140 50.87 -2.41 -33.37
CA PHE A 140 51.23 -2.11 -34.74
C PHE A 140 50.97 -0.66 -35.05
N PRO A 141 51.81 -0.04 -35.84
CA PRO A 141 51.56 1.36 -36.18
C PRO A 141 50.41 1.53 -37.17
N LEU A 142 49.72 2.64 -37.01
CA LEU A 142 48.71 3.13 -37.96
C LEU A 142 49.36 4.38 -38.58
N ALA A 143 50.02 4.16 -39.72
CA ALA A 143 50.97 5.16 -40.22
C ALA A 143 50.24 6.27 -40.98
N PRO A 144 50.63 7.52 -40.79
CA PRO A 144 50.00 8.61 -41.54
C PRO A 144 50.48 8.64 -42.98
N SER A 145 49.56 8.93 -43.89
CA SER A 145 49.90 8.91 -45.32
C SER A 145 50.01 10.32 -45.83
N GLY A 152 44.60 20.26 -43.34
CA GLY A 152 45.96 20.33 -42.85
C GLY A 152 46.18 19.48 -41.59
N THR A 153 45.35 18.48 -41.40
CA THR A 153 45.42 17.60 -40.24
C THR A 153 45.66 16.18 -40.73
N ALA A 154 46.52 15.49 -40.00
CA ALA A 154 46.85 14.11 -40.28
C ALA A 154 46.36 13.29 -39.12
N ALA A 155 46.02 12.04 -39.37
CA ALA A 155 45.70 11.13 -38.29
C ALA A 155 46.74 10.02 -38.29
N LEU A 156 47.06 9.54 -37.09
CA LEU A 156 48.01 8.45 -36.92
C LEU A 156 47.59 7.70 -35.67
N GLY A 157 48.15 6.52 -35.48
CA GLY A 157 47.70 5.73 -34.34
C GLY A 157 48.47 4.46 -34.16
N CYS A 158 47.99 3.69 -33.20
CA CYS A 158 48.50 2.38 -32.87
C CYS A 158 47.34 1.41 -32.80
N LEU A 159 47.51 0.24 -33.42
CA LEU A 159 46.58 -0.87 -33.29
C LEU A 159 47.10 -1.78 -32.18
N VAL A 160 46.25 -2.04 -31.21
CA VAL A 160 46.59 -2.75 -29.96
C VAL A 160 45.75 -4.02 -29.99
N LYS A 161 46.33 -5.09 -30.48
CA LYS A 161 45.55 -6.22 -30.96
C LYS A 161 45.84 -7.50 -30.20
N ASP A 162 44.75 -8.26 -29.99
CA ASP A 162 44.77 -9.62 -29.44
C ASP A 162 45.30 -9.66 -28.02
N TYR A 163 44.66 -8.95 -27.13
CA TYR A 163 45.02 -9.02 -25.72
C TYR A 163 43.84 -9.48 -24.89
N PHE A 164 44.16 -9.95 -23.69
CA PHE A 164 43.13 -10.43 -22.77
C PHE A 164 43.70 -10.51 -21.37
N PRO A 165 42.89 -10.21 -20.33
CA PRO A 165 41.59 -9.54 -20.33
C PRO A 165 41.77 -8.04 -20.49
N GLU A 166 40.65 -7.32 -20.43
CA GLU A 166 40.74 -5.86 -20.18
C GLU A 166 41.45 -5.62 -18.85
N PRO A 167 42.05 -4.44 -18.65
CA PRO A 167 42.15 -3.29 -19.54
C PRO A 167 43.55 -3.08 -20.10
N VAL A 168 43.64 -2.21 -21.11
CA VAL A 168 44.91 -1.67 -21.59
C VAL A 168 44.85 -0.14 -21.45
N THR A 169 46.01 0.49 -21.32
CA THR A 169 46.11 1.92 -21.45
C THR A 169 47.07 2.27 -22.58
N VAL A 170 46.80 3.39 -23.22
CA VAL A 170 47.63 3.91 -24.30
C VAL A 170 47.88 5.37 -24.01
N SER A 171 49.12 5.77 -23.99
CA SER A 171 49.41 7.19 -23.96
C SER A 171 50.21 7.50 -25.21
N TRP A 172 50.37 8.78 -25.45
CA TRP A 172 51.12 9.25 -26.60
C TRP A 172 52.24 10.16 -26.13
N ASN A 173 53.43 9.91 -26.69
CA ASN A 173 54.65 10.66 -26.32
C ASN A 173 54.79 10.77 -24.80
N SER A 174 54.60 9.64 -24.14
CA SER A 174 54.80 9.51 -22.70
C SER A 174 53.93 10.51 -21.94
N GLY A 175 52.72 10.71 -22.44
CA GLY A 175 51.73 11.61 -21.89
C GLY A 175 51.85 13.06 -22.27
N ALA A 176 52.83 13.44 -23.07
CA ALA A 176 52.97 14.82 -23.50
C ALA A 176 51.98 15.20 -24.58
N LEU A 177 51.44 14.22 -25.30
CA LEU A 177 50.43 14.45 -26.32
C LEU A 177 49.09 13.92 -25.82
N THR A 178 48.14 14.84 -25.57
CA THR A 178 46.82 14.43 -25.09
C THR A 178 45.67 14.96 -25.95
N SER A 179 45.85 16.14 -26.54
CA SER A 179 44.82 16.72 -27.39
C SER A 179 44.63 15.87 -28.62
N GLY A 180 43.37 15.62 -28.94
CA GLY A 180 42.95 14.92 -30.15
C GLY A 180 43.15 13.44 -30.12
N VAL A 181 43.52 12.87 -28.98
CA VAL A 181 43.66 11.42 -28.83
C VAL A 181 42.29 10.80 -28.68
N HIS A 182 42.06 9.71 -29.37
CA HIS A 182 40.89 8.87 -29.16
C HIS A 182 41.40 7.45 -29.00
N THR A 183 41.22 6.89 -27.83
CA THR A 183 41.49 5.47 -27.63
C THR A 183 40.16 4.74 -27.62
N PHE A 184 39.94 3.92 -28.63
CA PHE A 184 38.65 3.35 -28.86
C PHE A 184 38.32 2.30 -27.81
N PRO A 185 37.05 2.18 -27.45
CA PRO A 185 36.61 1.05 -26.65
C PRO A 185 37.02 -0.28 -27.28
N ALA A 186 37.54 -1.17 -26.43
CA ALA A 186 37.89 -2.47 -26.94
C ALA A 186 36.66 -3.24 -27.43
N VAL A 187 36.86 -4.03 -28.45
CA VAL A 187 35.85 -4.95 -28.93
C VAL A 187 36.42 -6.36 -28.96
N LEU A 188 35.58 -7.29 -28.56
CA LEU A 188 35.95 -8.71 -28.54
C LEU A 188 35.89 -9.27 -29.95
N GLN A 189 36.98 -9.88 -30.35
CA GLN A 189 37.07 -10.51 -31.65
C GLN A 189 36.52 -11.93 -31.57
N SER A 190 36.39 -12.54 -32.75
CA SER A 190 35.86 -13.91 -32.79
C SER A 190 36.80 -14.88 -32.08
N SER A 191 38.04 -14.47 -31.84
CA SER A 191 39.03 -15.24 -31.11
C SER A 191 38.79 -15.25 -29.62
N GLY A 192 37.92 -14.40 -29.13
CA GLY A 192 37.75 -14.20 -27.73
C GLY A 192 38.78 -13.28 -27.12
N LEU A 193 39.60 -12.63 -27.95
CA LEU A 193 40.56 -11.64 -27.53
C LEU A 193 40.11 -10.25 -27.95
N TYR A 194 40.52 -9.26 -27.16
CA TYR A 194 40.20 -7.88 -27.46
C TYR A 194 41.18 -7.28 -28.45
N SER A 195 40.70 -6.22 -29.07
CA SER A 195 41.51 -5.37 -29.95
C SER A 195 40.95 -3.97 -29.90
N LEU A 196 41.85 -2.99 -29.99
CA LEU A 196 41.43 -1.62 -30.17
C LEU A 196 42.51 -0.85 -30.90
N SER A 197 42.14 0.31 -31.43
CA SER A 197 43.11 1.28 -31.92
C SER A 197 43.06 2.51 -31.04
N SER A 198 44.21 3.16 -30.92
CA SER A 198 44.35 4.49 -30.34
C SER A 198 44.82 5.43 -31.43
N VAL A 199 44.10 6.52 -31.66
CA VAL A 199 44.46 7.43 -32.74
C VAL A 199 44.62 8.84 -32.18
N VAL A 200 45.28 9.66 -32.97
CA VAL A 200 45.46 11.08 -32.65
C VAL A 200 45.53 11.83 -33.97
N THR A 201 44.91 13.01 -33.99
CA THR A 201 45.08 13.91 -35.12
C THR A 201 46.07 14.99 -34.75
N VAL A 202 46.90 15.35 -35.72
CA VAL A 202 48.00 16.27 -35.51
C VAL A 202 48.11 17.13 -36.76
N PRO A 203 48.86 18.22 -36.69
CA PRO A 203 49.13 19.02 -37.90
C PRO A 203 49.94 18.24 -38.92
N SER A 204 49.47 18.27 -40.16
CA SER A 204 50.20 17.61 -41.25
C SER A 204 51.59 18.18 -41.37
N SER A 205 51.73 19.47 -41.11
CA SER A 205 53.04 20.08 -41.21
C SER A 205 53.99 19.59 -40.09
N SER A 206 53.51 18.83 -39.14
CA SER A 206 54.38 18.35 -38.07
C SER A 206 55.00 16.99 -38.38
N LEU A 207 54.47 16.27 -39.37
CA LEU A 207 54.80 14.87 -39.54
C LEU A 207 56.26 14.65 -39.83
N GLY A 208 56.92 15.62 -40.48
CA GLY A 208 58.31 15.43 -40.81
C GLY A 208 59.27 15.64 -39.65
N THR A 209 58.89 16.46 -38.68
CA THR A 209 59.81 16.91 -37.66
C THR A 209 59.40 16.55 -36.26
N GLN A 210 58.20 16.00 -36.05
CA GLN A 210 57.73 15.57 -34.74
C GLN A 210 57.69 14.04 -34.69
N THR A 211 58.20 13.46 -33.64
CA THR A 211 58.11 12.02 -33.42
C THR A 211 56.86 11.68 -32.61
N TYR A 212 56.17 10.61 -33.05
CA TYR A 212 54.97 10.14 -32.40
C TYR A 212 55.17 8.70 -31.98
N ILE A 213 55.02 8.46 -30.68
CA ILE A 213 55.24 7.16 -30.05
C ILE A 213 54.01 6.86 -29.21
N CYS A 214 53.43 5.68 -29.38
CA CYS A 214 52.35 5.24 -28.49
C CYS A 214 52.97 4.34 -27.42
N ASN A 215 52.58 4.60 -26.18
CA ASN A 215 53.03 3.84 -25.02
C ASN A 215 51.86 3.01 -24.51
N VAL A 216 51.98 1.71 -24.67
CA VAL A 216 50.91 0.76 -24.40
C VAL A 216 51.26 0.00 -23.14
N ASN A 217 50.32 -0.10 -22.21
CA ASN A 217 50.51 -0.86 -20.99
C ASN A 217 49.33 -1.81 -20.82
N HIS A 218 49.61 -3.10 -20.68
CA HIS A 218 48.60 -4.10 -20.35
C HIS A 218 49.05 -4.76 -19.07
N LYS A 219 48.58 -4.23 -17.96
CA LYS A 219 49.06 -4.71 -16.66
C LYS A 219 48.82 -6.19 -16.42
N PRO A 220 47.70 -6.80 -16.82
CA PRO A 220 47.49 -8.23 -16.48
C PRO A 220 48.61 -9.11 -16.98
N SER A 221 49.26 -8.73 -18.09
CA SER A 221 50.34 -9.51 -18.68
C SER A 221 51.70 -8.86 -18.46
N ASN A 222 51.75 -7.74 -17.71
CA ASN A 222 52.97 -6.96 -17.53
C ASN A 222 53.57 -6.49 -18.84
N THR A 223 52.75 -6.37 -19.87
CA THR A 223 53.22 -5.90 -21.16
C THR A 223 53.36 -4.37 -21.18
N LYS A 224 54.51 -3.90 -21.64
CA LYS A 224 54.75 -2.50 -21.90
C LYS A 224 55.42 -2.43 -23.26
N VAL A 225 54.83 -1.66 -24.16
CA VAL A 225 55.34 -1.51 -25.51
C VAL A 225 55.31 -0.04 -25.89
N ASP A 226 56.44 0.45 -26.35
CA ASP A 226 56.51 1.74 -27.02
C ASP A 226 56.58 1.47 -28.50
N LYS A 227 55.76 2.14 -29.27
CA LYS A 227 55.77 1.94 -30.72
C LYS A 227 55.89 3.29 -31.41
N LYS A 228 56.97 3.46 -32.15
CA LYS A 228 57.15 4.67 -32.93
C LYS A 228 56.29 4.56 -34.16
N VAL A 229 55.58 5.64 -34.48
CA VAL A 229 54.64 5.64 -35.58
C VAL A 229 55.16 6.62 -36.60
N GLU A 230 55.71 6.11 -37.65
CA GLU A 230 56.39 6.88 -38.68
C GLU A 230 55.55 7.05 -39.95
N PRO A 231 55.63 8.21 -40.60
CA PRO A 231 54.87 8.49 -41.84
C PRO A 231 55.16 7.51 -42.98
N MET B 5 8.36 -4.28 -22.73
CA MET B 5 8.65 -2.87 -22.62
C MET B 5 9.37 -2.35 -23.85
N THR B 6 8.84 -1.29 -24.44
CA THR B 6 9.47 -0.64 -25.58
C THR B 6 9.39 0.86 -25.35
N GLN B 7 10.49 1.45 -24.90
CA GLN B 7 10.55 2.90 -24.83
C GLN B 7 10.55 3.46 -26.24
N SER B 8 9.69 4.45 -26.49
CA SER B 8 9.48 4.89 -27.87
C SER B 8 10.66 5.71 -28.38
N PRO B 9 11.02 6.85 -27.81
CA PRO B 9 12.22 7.53 -28.28
C PRO B 9 13.44 6.78 -27.79
N SER B 10 14.48 6.78 -28.60
CA SER B 10 15.69 6.03 -28.27
C SER B 10 16.96 6.85 -28.28
N SER B 11 17.01 7.96 -29.00
CA SER B 11 18.19 8.80 -29.02
C SER B 11 17.78 10.26 -28.95
N LEU B 12 16.86 10.56 -28.04
CA LEU B 12 16.32 11.90 -27.92
C LEU B 12 17.42 12.92 -27.70
N SER B 13 17.63 13.78 -28.69
CA SER B 13 18.56 14.88 -28.53
C SER B 13 17.85 16.03 -27.83
N ALA B 14 18.64 16.94 -27.27
CA ALA B 14 18.08 18.07 -26.56
C ALA B 14 19.19 19.03 -26.20
N SER B 15 18.79 20.27 -25.91
CA SER B 15 19.70 21.30 -25.42
C SER B 15 19.40 21.59 -23.96
N VAL B 16 20.20 22.49 -23.39
CA VAL B 16 20.18 22.69 -21.94
C VAL B 16 18.88 23.37 -21.53
N GLY B 17 18.38 23.01 -20.36
CA GLY B 17 17.30 23.73 -19.71
C GLY B 17 15.93 23.56 -20.32
N ASP B 18 15.82 22.98 -21.51
CA ASP B 18 14.54 22.87 -22.19
C ASP B 18 13.70 21.80 -21.51
N ARG B 19 12.55 21.49 -22.10
CA ARG B 19 11.72 20.41 -21.59
C ARG B 19 11.74 19.26 -22.57
N VAL B 20 11.68 18.04 -22.03
CA VAL B 20 11.72 16.84 -22.85
C VAL B 20 10.78 15.82 -22.24
N THR B 21 10.28 14.93 -23.09
CA THR B 21 9.39 13.87 -22.67
C THR B 21 9.90 12.53 -23.17
N ILE B 22 9.68 11.50 -22.37
CA ILE B 22 10.16 10.16 -22.66
C ILE B 22 9.08 9.18 -22.29
N THR B 23 8.74 8.29 -23.21
CA THR B 23 7.60 7.41 -23.01
C THR B 23 7.97 5.95 -23.13
N CYS B 24 7.34 5.14 -22.27
CA CYS B 24 7.60 3.70 -22.17
C CYS B 24 6.31 2.98 -22.53
N ARG B 25 6.26 2.42 -23.74
CA ARG B 25 5.05 1.75 -24.21
C ARG B 25 4.78 0.52 -23.36
N ALA B 26 3.66 0.52 -22.66
CA ALA B 26 3.26 -0.69 -21.94
C ALA B 26 3.11 -1.81 -22.96
N SER B 27 3.97 -2.82 -22.88
CA SER B 27 3.89 -3.93 -23.82
C SER B 27 2.81 -4.90 -23.35
N GLN B 28 1.63 -4.36 -23.08
CA GLN B 28 0.49 -5.10 -22.53
C GLN B 28 0.95 -6.13 -21.51
N SER B 29 1.67 -5.65 -20.52
CA SER B 29 2.00 -6.47 -19.37
C SER B 29 0.79 -6.48 -18.46
N VAL B 30 0.98 -6.95 -17.21
CA VAL B 30 -0.02 -6.70 -16.19
C VAL B 30 -0.28 -5.22 -16.00
N SER B 31 0.54 -4.38 -16.64
CA SER B 31 0.37 -2.93 -16.65
C SER B 31 0.50 -2.35 -15.27
N SER B 32 1.18 -3.05 -14.36
CA SER B 32 1.48 -2.44 -13.07
C SER B 32 2.44 -1.29 -13.27
N ALA B 33 2.20 -0.21 -12.54
CA ALA B 33 2.77 1.07 -12.90
C ALA B 33 4.29 1.00 -12.96
N VAL B 34 4.86 1.84 -13.82
CA VAL B 34 6.28 1.87 -14.08
C VAL B 34 7.02 2.52 -12.93
N ALA B 35 8.34 2.46 -12.94
CA ALA B 35 9.12 3.17 -11.93
C ALA B 35 10.46 3.56 -12.54
N TRP B 36 10.57 4.81 -12.98
CA TRP B 36 11.69 5.23 -13.81
C TRP B 36 12.99 5.28 -13.04
N TYR B 37 14.03 4.70 -13.61
CA TYR B 37 15.40 4.71 -13.11
C TYR B 37 16.28 5.52 -14.03
N GLN B 38 17.42 5.94 -13.50
CA GLN B 38 18.41 6.68 -14.26
C GLN B 38 19.78 6.07 -14.03
N GLN B 39 20.60 6.03 -15.07
CA GLN B 39 21.94 5.49 -14.92
C GLN B 39 22.90 6.28 -15.79
N LYS B 40 23.98 6.73 -15.19
CA LYS B 40 25.05 7.35 -15.91
C LYS B 40 26.02 6.28 -16.38
N PRO B 41 26.97 6.62 -17.25
CA PRO B 41 27.90 5.60 -17.75
C PRO B 41 28.71 4.97 -16.63
N GLY B 42 28.62 3.65 -16.53
CA GLY B 42 29.46 2.87 -15.65
C GLY B 42 29.29 3.15 -14.17
N LYS B 43 28.06 3.22 -13.70
CA LYS B 43 27.82 3.44 -12.28
C LYS B 43 26.58 2.65 -11.87
N ALA B 44 26.08 2.95 -10.69
CA ALA B 44 24.96 2.23 -10.16
C ALA B 44 23.68 2.98 -10.49
N PRO B 45 22.74 2.37 -11.21
CA PRO B 45 21.47 3.03 -11.49
C PRO B 45 20.81 3.50 -10.21
N LYS B 46 20.23 4.69 -10.27
CA LYS B 46 19.52 5.29 -9.15
C LYS B 46 18.03 5.23 -9.39
N LEU B 47 17.27 5.38 -8.32
CA LEU B 47 15.83 5.47 -8.46
C LEU B 47 15.43 6.89 -8.78
N LEU B 48 14.42 7.04 -9.59
CA LEU B 48 13.91 8.37 -9.80
C LEU B 48 12.43 8.52 -9.48
N ILE B 49 11.60 7.60 -9.92
CA ILE B 49 10.18 7.72 -9.67
C ILE B 49 9.59 6.34 -9.47
N TYR B 50 8.82 6.17 -8.39
CA TYR B 50 8.15 4.91 -8.14
C TYR B 50 6.66 5.13 -8.12
N SER B 51 5.92 4.10 -8.48
CA SER B 51 4.48 4.19 -8.67
C SER B 51 4.09 5.27 -9.67
N ALA B 52 5.01 5.61 -10.56
CA ALA B 52 4.72 6.34 -11.78
C ALA B 52 4.41 7.80 -11.57
N SER B 53 4.24 8.23 -10.31
CA SER B 53 3.96 9.65 -10.11
C SER B 53 4.68 10.31 -8.95
N SER B 54 5.17 9.58 -7.96
CA SER B 54 5.78 10.22 -6.81
C SER B 54 7.30 10.25 -6.94
N LEU B 55 7.90 11.20 -6.23
CA LEU B 55 9.35 11.37 -6.26
C LEU B 55 10.01 10.49 -5.22
N TYR B 56 11.31 10.30 -5.39
CA TYR B 56 12.10 9.60 -4.41
C TYR B 56 12.76 10.60 -3.49
N SER B 57 12.77 10.30 -2.20
CA SER B 57 13.16 11.26 -1.18
C SER B 57 14.51 11.88 -1.49
N GLY B 58 14.53 13.18 -1.76
CA GLY B 58 15.79 13.83 -2.04
C GLY B 58 16.16 13.70 -3.50
N VAL B 59 15.24 14.08 -4.37
CA VAL B 59 15.49 14.12 -5.81
C VAL B 59 14.99 15.45 -6.34
N PRO B 60 15.77 16.16 -7.14
CA PRO B 60 15.37 17.51 -7.56
C PRO B 60 13.96 17.53 -8.12
N SER B 61 13.31 18.67 -8.01
CA SER B 61 11.90 18.74 -8.36
C SER B 61 11.65 18.93 -9.83
N ARG B 62 12.69 19.01 -10.67
CA ARG B 62 12.46 19.18 -12.10
C ARG B 62 11.68 18.01 -12.67
N PHE B 63 11.84 16.83 -12.09
CA PHE B 63 11.22 15.65 -12.66
C PHE B 63 9.73 15.65 -12.39
N SER B 64 9.06 14.60 -12.85
CA SER B 64 7.63 14.50 -12.79
C SER B 64 7.23 13.15 -13.34
N GLY B 65 6.03 12.71 -12.98
CA GLY B 65 5.44 11.52 -13.54
C GLY B 65 4.24 11.88 -14.41
N SER B 66 3.67 10.85 -15.02
CA SER B 66 2.44 11.00 -15.76
C SER B 66 1.95 9.62 -16.16
N ARG B 67 0.64 9.43 -16.14
CA ARG B 67 0.03 8.14 -16.37
C ARG B 67 -0.91 8.20 -17.54
N SER B 68 -0.48 8.86 -18.61
CA SER B 68 -1.35 9.10 -19.75
C SER B 68 -1.85 7.80 -20.37
N GLY B 69 -3.15 7.57 -20.28
CA GLY B 69 -3.75 6.39 -20.89
C GLY B 69 -3.11 5.14 -20.35
N THR B 70 -2.60 4.30 -21.25
CA THR B 70 -1.75 3.19 -20.88
C THR B 70 -0.34 3.39 -21.42
N ASP B 71 0.03 4.65 -21.66
CA ASP B 71 1.39 5.00 -22.08
C ASP B 71 2.00 5.85 -20.98
N PHE B 72 2.82 5.24 -20.16
CA PHE B 72 3.45 5.97 -19.07
C PHE B 72 4.56 6.86 -19.62
N THR B 73 4.68 8.06 -19.06
CA THR B 73 5.64 9.02 -19.56
C THR B 73 6.32 9.74 -18.42
N LEU B 74 7.49 10.26 -18.74
CA LEU B 74 8.30 11.07 -17.85
C LEU B 74 8.60 12.37 -18.56
N THR B 75 8.66 13.46 -17.80
CA THR B 75 8.88 14.76 -18.40
C THR B 75 9.87 15.54 -17.57
N ILE B 76 11.02 15.83 -18.15
CA ILE B 76 11.98 16.73 -17.55
C ILE B 76 11.58 18.14 -17.94
N SER B 77 11.17 18.93 -16.95
CA SER B 77 10.75 20.30 -17.22
C SER B 77 11.91 21.14 -17.71
N SER B 78 12.97 21.23 -16.91
CA SER B 78 14.17 21.98 -17.28
C SER B 78 15.38 21.06 -17.17
N LEU B 79 16.22 21.09 -18.17
CA LEU B 79 17.33 20.16 -18.29
C LEU B 79 18.58 20.78 -17.70
N GLN B 80 18.93 20.39 -16.49
CA GLN B 80 20.18 20.82 -15.94
C GLN B 80 21.34 20.23 -16.73
N PRO B 81 22.44 20.95 -16.85
CA PRO B 81 23.61 20.39 -17.54
C PRO B 81 24.15 19.15 -16.91
N GLU B 82 23.57 18.72 -15.79
CA GLU B 82 24.03 17.48 -15.16
C GLU B 82 23.28 16.27 -15.69
N ASP B 83 21.99 16.44 -16.01
CA ASP B 83 21.15 15.31 -16.39
C ASP B 83 21.46 14.95 -17.83
N PHE B 84 22.35 13.97 -18.00
CA PHE B 84 22.64 13.45 -19.34
C PHE B 84 23.07 12.00 -19.16
N ALA B 85 22.12 11.09 -19.32
CA ALA B 85 22.41 9.69 -19.04
C ALA B 85 21.27 8.85 -19.60
N THR B 86 21.37 7.55 -19.42
CA THR B 86 20.37 6.64 -19.92
C THR B 86 19.25 6.50 -18.91
N TYR B 87 18.03 6.34 -19.39
CA TYR B 87 16.87 6.21 -18.51
C TYR B 87 16.18 4.88 -18.76
N TYR B 88 15.60 4.32 -17.71
CA TYR B 88 15.05 2.97 -17.78
C TYR B 88 13.67 2.93 -17.17
N CYS B 89 12.76 2.22 -17.81
CA CYS B 89 11.46 1.99 -17.22
C CYS B 89 11.34 0.54 -16.78
N GLN B 90 10.67 0.32 -15.66
CA GLN B 90 10.65 -0.99 -15.03
C GLN B 90 9.23 -1.37 -14.68
N GLN B 91 8.65 -2.27 -15.45
CA GLN B 91 7.30 -2.71 -15.21
C GLN B 91 7.31 -4.03 -14.49
N SER B 92 6.50 -4.16 -13.45
CA SER B 92 6.35 -5.45 -12.81
C SER B 92 5.60 -6.40 -13.72
N SER B 93 5.42 -7.63 -13.25
CA SER B 93 4.56 -8.57 -13.96
C SER B 93 4.00 -9.55 -12.94
N SER B 94 3.52 -10.69 -13.42
CA SER B 94 3.00 -11.72 -12.53
C SER B 94 4.03 -12.09 -11.47
N SER B 95 5.19 -12.61 -11.89
CA SER B 95 6.21 -12.94 -10.92
C SER B 95 7.63 -12.63 -11.40
N LEU B 96 7.79 -11.80 -12.41
CA LEU B 96 9.13 -11.38 -12.82
C LEU B 96 9.04 -10.01 -13.47
N ILE B 97 9.88 -9.09 -13.03
CA ILE B 97 9.91 -7.75 -13.57
C ILE B 97 10.87 -7.72 -14.75
N THR B 98 10.82 -6.66 -15.54
CA THR B 98 11.72 -6.61 -16.68
C THR B 98 11.98 -5.17 -17.06
N PHE B 99 13.25 -4.82 -17.22
CA PHE B 99 13.61 -3.46 -17.53
C PHE B 99 13.43 -3.19 -19.01
N GLY B 100 13.11 -1.95 -19.32
CA GLY B 100 12.94 -1.57 -20.71
C GLY B 100 14.27 -1.50 -21.42
N GLN B 101 14.19 -1.44 -22.75
CA GLN B 101 15.40 -1.31 -23.54
C GLN B 101 16.11 -0.01 -23.28
N GLY B 102 15.41 0.99 -22.80
CA GLY B 102 16.07 2.18 -22.32
C GLY B 102 16.47 3.17 -23.38
N THR B 103 16.21 4.45 -23.12
CA THR B 103 16.60 5.52 -24.01
C THR B 103 17.70 6.36 -23.37
N LYS B 104 18.25 7.26 -24.17
CA LYS B 104 19.47 7.96 -23.81
C LYS B 104 19.41 9.38 -24.33
N VAL B 105 19.30 10.35 -23.44
CA VAL B 105 19.31 11.75 -23.84
C VAL B 105 20.71 12.09 -24.28
N GLU B 106 20.87 13.25 -24.91
CA GLU B 106 22.17 13.66 -25.41
C GLU B 106 22.12 15.14 -25.72
N ILE B 107 23.31 15.71 -25.93
CA ILE B 107 23.43 17.16 -26.05
C ILE B 107 23.18 17.58 -27.49
N LYS B 108 22.24 18.50 -27.67
CA LYS B 108 22.03 19.10 -28.97
C LYS B 108 23.27 19.86 -29.40
N ARG B 109 23.54 19.86 -30.71
CA ARG B 109 24.67 20.59 -31.23
C ARG B 109 24.56 20.63 -32.75
N THR B 110 24.96 21.74 -33.34
CA THR B 110 24.80 21.92 -34.78
C THR B 110 25.49 20.80 -35.53
N VAL B 111 25.12 19.20 -36.44
CA VAL B 111 25.66 18.18 -37.29
C VAL B 111 27.12 18.48 -37.65
N ALA B 112 27.95 17.46 -37.54
CA ALA B 112 29.34 17.53 -37.97
C ALA B 112 29.68 16.28 -38.77
N ALA B 113 30.11 16.46 -40.00
CA ALA B 113 30.46 15.32 -40.81
C ALA B 113 31.81 14.77 -40.39
N PRO B 114 32.03 13.46 -40.49
CA PRO B 114 33.35 12.88 -40.10
C PRO B 114 34.47 13.27 -41.04
N SER B 115 35.64 13.45 -40.46
CA SER B 115 36.88 13.34 -41.25
C SER B 115 37.24 11.89 -41.32
N VAL B 116 37.67 11.46 -42.50
CA VAL B 116 37.91 10.05 -42.77
C VAL B 116 39.38 9.83 -43.09
N PHE B 117 39.94 8.78 -42.50
CA PHE B 117 41.32 8.36 -42.71
C PHE B 117 41.40 6.86 -42.86
N ILE B 118 42.27 6.37 -43.74
CA ILE B 118 42.51 4.93 -43.89
C ILE B 118 43.98 4.60 -43.58
N PHE B 119 44.18 3.44 -42.97
CA PHE B 119 45.52 2.97 -42.58
C PHE B 119 45.76 1.59 -43.13
N PRO B 120 46.79 1.39 -43.93
CA PRO B 120 47.14 0.03 -44.37
C PRO B 120 47.72 -0.79 -43.23
N PRO B 121 47.74 -2.11 -43.39
CA PRO B 121 48.41 -2.95 -42.39
C PRO B 121 49.91 -2.68 -42.40
N SER B 122 50.53 -2.87 -41.26
CA SER B 122 51.97 -2.73 -41.14
C SER B 122 52.67 -3.96 -41.69
N ASP B 123 53.93 -3.76 -42.16
CA ASP B 123 54.72 -4.91 -42.61
C ASP B 123 54.98 -5.88 -41.47
N SER B 124 55.14 -5.36 -40.26
CA SER B 124 55.36 -6.21 -39.09
C SER B 124 54.19 -7.16 -38.88
N GLN B 125 52.98 -6.63 -38.93
CA GLN B 125 51.83 -7.49 -38.78
C GLN B 125 51.72 -8.50 -39.92
N LEU B 126 51.92 -8.04 -41.15
CA LEU B 126 51.79 -8.93 -42.31
C LEU B 126 52.75 -10.09 -42.18
N LYS B 127 53.96 -9.83 -41.74
CA LYS B 127 54.95 -10.87 -41.60
C LYS B 127 54.49 -11.94 -40.64
N SER B 128 53.55 -11.63 -39.76
CA SER B 128 52.96 -12.59 -38.82
C SER B 128 51.75 -13.32 -39.38
N GLY B 129 51.27 -12.95 -40.56
CA GLY B 129 50.25 -13.71 -41.25
C GLY B 129 48.86 -13.10 -41.34
N THR B 130 48.69 -11.87 -40.88
CA THR B 130 47.37 -11.23 -40.79
C THR B 130 47.52 -9.80 -41.26
N ALA B 131 46.45 -9.30 -41.85
CA ALA B 131 46.35 -7.92 -42.33
C ALA B 131 45.14 -7.27 -41.67
N SER B 132 45.39 -6.28 -40.83
CA SER B 132 44.34 -5.40 -40.30
C SER B 132 44.38 -4.09 -41.06
N VAL B 133 43.24 -3.69 -41.63
CA VAL B 133 43.07 -2.41 -42.34
C VAL B 133 42.12 -1.58 -41.52
N VAL B 134 42.51 -0.36 -41.20
CA VAL B 134 41.71 0.44 -40.28
C VAL B 134 41.20 1.69 -40.99
N CYS B 135 39.93 1.98 -40.77
CA CYS B 135 39.28 3.18 -41.23
C CYS B 135 38.78 3.99 -40.04
N LEU B 136 39.13 5.26 -40.00
CA LEU B 136 38.82 6.15 -38.88
C LEU B 136 37.84 7.22 -39.36
N LEU B 137 36.73 7.36 -38.64
CA LEU B 137 35.75 8.44 -38.85
C LEU B 137 35.88 9.32 -37.62
N ASN B 138 36.37 10.53 -37.79
CA ASN B 138 36.72 11.33 -36.63
C ASN B 138 35.77 12.50 -36.41
N ASN B 139 35.31 12.66 -35.15
CA ASN B 139 34.67 13.87 -34.60
C ASN B 139 33.40 14.23 -35.38
N PHE B 140 32.45 13.33 -35.35
CA PHE B 140 31.21 13.51 -36.06
C PHE B 140 30.00 13.45 -35.14
N TYR B 141 28.89 13.96 -35.68
CA TYR B 141 27.63 14.03 -34.97
C TYR B 141 26.51 14.21 -35.98
N PRO B 142 25.40 13.48 -35.87
CA PRO B 142 25.00 12.47 -34.88
C PRO B 142 25.78 11.17 -35.07
N ARG B 143 25.48 10.18 -34.22
CA ARG B 143 26.28 8.97 -34.14
C ARG B 143 26.14 8.06 -35.34
N GLU B 144 25.02 8.10 -36.06
CA GLU B 144 24.79 7.14 -37.12
C GLU B 144 25.71 7.40 -38.31
N ALA B 145 26.31 6.32 -38.79
CA ALA B 145 27.24 6.39 -39.91
C ALA B 145 27.34 5.00 -40.50
N LYS B 146 27.80 4.94 -41.75
CA LYS B 146 28.01 3.65 -42.39
C LYS B 146 29.40 3.64 -43.01
N VAL B 147 30.09 2.52 -42.79
CA VAL B 147 31.39 2.28 -43.37
C VAL B 147 31.27 1.03 -44.18
N GLN B 148 31.57 1.12 -45.45
CA GLN B 148 31.61 -0.01 -46.35
C GLN B 148 33.04 -0.21 -46.83
N TRP B 149 33.52 -1.41 -46.69
CA TRP B 149 34.84 -1.81 -47.21
C TRP B 149 34.68 -2.35 -48.61
N LYS B 150 35.51 -1.89 -49.53
CA LYS B 150 35.58 -2.45 -50.87
C LYS B 150 37.02 -2.84 -51.14
N VAL B 151 37.19 -4.05 -51.67
CA VAL B 151 38.49 -4.59 -51.97
C VAL B 151 38.46 -4.93 -53.44
N ASP B 152 39.30 -4.26 -54.22
CA ASP B 152 39.19 -4.30 -55.68
C ASP B 152 37.73 -4.10 -56.11
N ASN B 153 37.09 -3.14 -55.45
CA ASN B 153 35.76 -2.65 -55.73
C ASN B 153 34.67 -3.63 -55.31
N ALA B 154 35.02 -4.71 -54.62
CA ALA B 154 34.06 -5.69 -54.16
C ALA B 154 33.68 -5.39 -52.71
N LEU B 155 32.39 -5.25 -52.49
CA LEU B 155 31.86 -4.95 -51.16
C LEU B 155 32.11 -6.13 -50.24
N GLN B 156 32.67 -5.83 -49.07
CA GLN B 156 33.02 -6.83 -48.08
C GLN B 156 31.88 -7.00 -47.08
N SER B 157 31.76 -8.22 -46.55
CA SER B 157 30.80 -8.50 -45.48
C SER B 157 31.40 -9.55 -44.58
N GLY B 158 31.15 -9.42 -43.27
CA GLY B 158 31.51 -10.41 -42.28
C GLY B 158 32.94 -10.37 -41.77
N ASN B 159 33.81 -9.51 -42.34
CA ASN B 159 35.23 -9.51 -41.97
C ASN B 159 35.67 -8.15 -41.41
N SER B 160 34.73 -7.41 -40.82
CA SER B 160 35.07 -6.15 -40.17
C SER B 160 34.33 -6.02 -38.85
N GLN B 161 34.91 -5.20 -37.96
CA GLN B 161 34.34 -4.82 -36.68
C GLN B 161 34.51 -3.33 -36.48
N GLU B 162 33.54 -2.74 -35.78
CA GLU B 162 33.49 -1.30 -35.49
C GLU B 162 33.54 -1.10 -34.00
N SER B 163 34.17 -0.02 -33.61
CA SER B 163 34.06 0.53 -32.28
C SER B 163 33.76 2.03 -32.39
N VAL B 164 32.93 2.54 -31.47
CA VAL B 164 32.56 3.95 -31.42
C VAL B 164 32.87 4.47 -30.05
N THR B 165 33.46 5.65 -30.00
CA THR B 165 33.77 6.26 -28.74
C THR B 165 32.50 6.72 -28.04
N GLU B 166 32.61 6.91 -26.73
CA GLU B 166 31.60 7.68 -26.00
C GLU B 166 31.66 9.11 -26.46
N GLN B 167 30.52 9.80 -26.37
CA GLN B 167 30.47 11.17 -26.77
C GLN B 167 31.51 12.01 -26.06
N ASP B 168 32.21 12.82 -26.82
CA ASP B 168 33.25 13.64 -26.25
C ASP B 168 32.67 14.66 -25.28
N SER B 169 33.31 14.81 -24.11
CA SER B 169 32.72 15.70 -23.09
C SER B 169 32.84 17.17 -23.46
N LYS B 170 33.78 17.55 -24.32
CA LYS B 170 33.96 18.94 -24.70
C LYS B 170 33.18 19.33 -25.96
N ASP B 171 33.27 18.54 -27.04
CA ASP B 171 32.68 18.92 -28.31
C ASP B 171 31.49 18.06 -28.68
N SER B 172 31.11 17.11 -27.84
CA SER B 172 29.90 16.30 -28.02
C SER B 172 29.88 15.48 -29.33
N THR B 173 31.04 15.17 -29.90
CA THR B 173 31.16 14.33 -31.08
C THR B 173 31.50 12.90 -30.71
N TYR B 174 31.40 12.05 -31.72
CA TYR B 174 31.81 10.67 -31.70
C TYR B 174 32.94 10.47 -32.68
N SER B 175 33.68 9.38 -32.48
CA SER B 175 34.58 8.89 -33.50
C SER B 175 34.33 7.41 -33.60
N LEU B 176 34.70 6.86 -34.74
CA LEU B 176 34.42 5.46 -35.04
C LEU B 176 35.62 4.85 -35.75
N SER B 177 35.95 3.59 -35.39
CA SER B 177 36.97 2.83 -36.07
C SER B 177 36.29 1.63 -36.70
N SER B 178 36.63 1.36 -37.95
CA SER B 178 36.24 0.10 -38.56
C SER B 178 37.52 -0.63 -38.94
N THR B 179 37.62 -1.89 -38.55
CA THR B 179 38.81 -2.71 -38.80
C THR B 179 38.43 -3.89 -39.66
N LEU B 180 39.04 -3.96 -40.85
CA LEU B 180 38.90 -5.07 -41.74
C LEU B 180 40.07 -6.02 -41.49
N THR B 181 39.76 -7.30 -41.29
CA THR B 181 40.81 -8.29 -41.00
C THR B 181 40.80 -9.37 -42.05
N LEU B 182 41.96 -9.57 -42.66
CA LEU B 182 42.19 -10.55 -43.71
C LEU B 182 43.43 -11.36 -43.36
N SER B 183 43.45 -12.61 -43.82
CA SER B 183 44.72 -13.34 -43.84
C SER B 183 45.68 -12.62 -44.77
N LYS B 184 46.97 -12.76 -44.47
CA LYS B 184 48.00 -12.27 -45.36
C LYS B 184 47.78 -12.76 -46.79
N ALA B 185 47.45 -14.05 -46.96
CA ALA B 185 47.30 -14.59 -48.31
C ALA B 185 46.14 -13.90 -49.04
N ASP B 186 45.02 -13.69 -48.35
CA ASP B 186 43.88 -13.00 -48.96
C ASP B 186 44.23 -11.54 -49.22
N TYR B 187 44.94 -10.89 -48.29
CA TYR B 187 45.36 -9.51 -48.48
C TYR B 187 46.20 -9.35 -49.74
N GLU B 188 47.12 -10.31 -49.98
CA GLU B 188 48.04 -10.21 -51.11
C GLU B 188 47.39 -10.55 -52.45
N LYS B 189 46.15 -11.00 -52.46
CA LYS B 189 45.43 -11.26 -53.69
C LYS B 189 44.82 -10.00 -54.30
N HIS B 190 44.86 -8.88 -53.63
CA HIS B 190 44.09 -7.74 -54.09
C HIS B 190 44.94 -6.50 -53.99
N LYS B 191 44.54 -5.53 -54.80
CA LYS B 191 45.26 -4.25 -54.90
C LYS B 191 44.59 -3.10 -54.14
N VAL B 192 43.35 -2.79 -54.44
CA VAL B 192 42.71 -1.56 -53.97
C VAL B 192 41.90 -1.85 -52.71
N TYR B 193 42.27 -1.19 -51.62
CA TYR B 193 41.61 -1.27 -50.34
C TYR B 193 40.93 0.07 -50.08
N ALA B 194 39.62 0.06 -49.93
CA ALA B 194 38.88 1.31 -49.80
C ALA B 194 37.86 1.25 -48.69
N CYS B 195 37.75 2.33 -47.94
CA CYS B 195 36.66 2.50 -47.01
C CYS B 195 35.81 3.65 -47.49
N GLU B 196 34.52 3.38 -47.62
CA GLU B 196 33.54 4.31 -48.17
C GLU B 196 32.56 4.65 -47.05
N VAL B 197 32.45 5.92 -46.72
CA VAL B 197 31.74 6.43 -45.56
C VAL B 197 30.55 7.29 -45.97
N THR B 198 29.45 7.06 -45.31
CA THR B 198 28.30 7.94 -45.38
C THR B 198 27.91 8.34 -43.98
N HIS B 199 27.30 9.52 -43.92
CA HIS B 199 26.83 10.14 -42.73
C HIS B 199 25.81 11.20 -43.18
N GLN B 200 24.81 11.49 -42.34
CA GLN B 200 23.83 12.49 -42.79
C GLN B 200 24.45 13.86 -43.05
N GLY B 201 25.59 14.20 -42.44
CA GLY B 201 26.27 15.46 -42.75
C GLY B 201 27.06 15.48 -44.06
N LEU B 202 27.22 14.34 -44.71
CA LEU B 202 27.98 14.25 -45.96
C LEU B 202 27.02 14.26 -47.13
N SER B 203 27.26 15.17 -48.09
CA SER B 203 26.41 15.17 -49.28
C SER B 203 26.68 13.97 -50.21
N SER B 204 27.90 13.48 -50.26
CA SER B 204 28.20 12.29 -51.04
C SER B 204 29.17 11.45 -50.22
N PRO B 205 29.22 10.16 -50.48
CA PRO B 205 30.11 9.29 -49.69
C PRO B 205 31.56 9.74 -49.79
N VAL B 206 32.26 9.60 -48.72
CA VAL B 206 33.69 9.86 -48.70
C VAL B 206 34.43 8.54 -48.80
N THR B 207 35.34 8.43 -49.79
CA THR B 207 36.13 7.22 -49.96
C THR B 207 37.58 7.57 -49.69
N LYS B 208 38.20 6.81 -48.81
CA LYS B 208 39.64 6.84 -48.62
C LYS B 208 40.20 5.48 -49.04
N SER B 209 41.26 5.49 -49.84
CA SER B 209 41.76 4.22 -50.33
C SER B 209 43.28 4.22 -50.44
N PHE B 210 43.83 3.02 -50.49
CA PHE B 210 45.22 2.86 -50.88
C PHE B 210 45.38 1.65 -51.78
N ASN B 211 46.51 1.63 -52.47
CA ASN B 211 46.93 0.50 -53.28
C ASN B 211 48.03 -0.26 -52.56
N ARG B 212 47.78 -1.54 -52.31
CA ARG B 212 48.70 -2.38 -51.58
C ARG B 212 50.07 -2.32 -52.22
N MET C 1 -52.39 -21.65 25.98
CA MET C 1 -52.33 -23.10 25.85
C MET C 1 -51.07 -23.64 26.50
N SER C 2 -50.00 -23.75 25.71
CA SER C 2 -48.72 -24.22 26.23
C SER C 2 -48.07 -23.15 27.09
N VAL C 3 -47.02 -23.56 27.82
CA VAL C 3 -46.29 -22.63 28.68
C VAL C 3 -45.50 -21.65 27.81
N ALA C 4 -45.50 -20.38 28.21
CA ALA C 4 -44.71 -19.37 27.51
C ALA C 4 -44.57 -18.14 28.40
N VAL C 5 -43.33 -17.79 28.71
CA VAL C 5 -43.02 -16.61 29.50
C VAL C 5 -41.53 -16.32 29.41
N GLY C 6 -41.14 -15.04 29.49
CA GLY C 6 -39.74 -14.66 29.45
C GLY C 6 -39.23 -14.12 30.77
N TYR C 7 -38.20 -14.76 31.32
CA TYR C 7 -37.72 -14.41 32.66
C TYR C 7 -36.38 -13.69 32.65
N MET C 8 -35.62 -13.77 31.58
CA MET C 8 -34.31 -13.14 31.56
C MET C 8 -34.43 -11.72 31.03
N ASP C 9 -34.06 -10.76 31.85
CA ASP C 9 -34.04 -9.36 31.50
C ASP C 9 -32.60 -8.89 31.39
N PRO C 10 -32.23 -8.28 30.26
CA PRO C 10 -30.83 -7.87 30.07
C PRO C 10 -30.16 -7.26 31.28
N GLY C 11 -30.88 -6.51 32.10
CA GLY C 11 -30.29 -6.01 33.33
C GLY C 11 -29.65 -7.11 34.13
N ASN C 12 -30.47 -8.07 34.58
CA ASN C 12 -29.95 -9.16 35.36
C ASN C 12 -28.98 -10.02 34.59
N TRP C 13 -29.17 -10.17 33.29
CA TRP C 13 -28.23 -10.91 32.48
C TRP C 13 -26.82 -10.36 32.63
N ILE C 14 -26.64 -9.09 32.25
CA ILE C 14 -25.30 -8.51 32.30
C ILE C 14 -24.78 -8.48 33.72
N THR C 15 -25.63 -8.13 34.69
CA THR C 15 -25.10 -7.99 36.04
C THR C 15 -24.61 -9.32 36.57
N SER C 16 -25.42 -10.37 36.46
CA SER C 16 -24.99 -11.68 36.93
C SER C 16 -23.74 -12.14 36.20
N MET C 17 -23.74 -12.11 34.88
CA MET C 17 -22.59 -12.64 34.16
C MET C 17 -21.32 -11.89 34.51
N GLN C 18 -21.40 -10.57 34.54
CA GLN C 18 -20.25 -9.79 34.98
C GLN C 18 -19.78 -10.25 36.34
N GLY C 19 -20.71 -10.46 37.26
CA GLY C 19 -20.30 -10.92 38.57
C GLY C 19 -19.58 -12.24 38.57
N GLY C 20 -19.53 -12.93 37.46
CA GLY C 20 -18.84 -14.19 37.41
C GLY C 20 -17.62 -14.10 36.54
N ALA C 21 -17.52 -13.05 35.76
CA ALA C 21 -16.28 -12.88 35.01
C ALA C 21 -15.18 -12.26 35.84
N GLN C 22 -15.53 -11.39 36.78
CA GLN C 22 -14.48 -10.66 37.49
C GLN C 22 -14.07 -11.34 38.79
N TYR C 23 -15.00 -11.46 39.73
CA TYR C 23 -14.63 -11.86 41.07
C TYR C 23 -14.85 -13.33 41.36
N GLY C 24 -15.72 -14.00 40.62
CA GLY C 24 -15.82 -15.43 40.76
C GLY C 24 -17.08 -15.89 41.43
N TYR C 25 -16.95 -16.73 42.44
CA TYR C 25 -18.10 -17.28 43.13
C TYR C 25 -18.51 -16.46 44.33
N THR C 26 -17.82 -15.36 44.63
CA THR C 26 -18.10 -14.62 45.85
C THR C 26 -19.52 -14.08 45.85
N LEU C 27 -19.88 -13.34 44.81
CA LEU C 27 -21.19 -12.69 44.77
C LEU C 27 -22.34 -13.65 44.97
N LEU C 28 -22.14 -14.94 44.72
CA LEU C 28 -23.25 -15.88 44.67
C LEU C 28 -24.22 -15.65 45.82
N PHE C 29 -23.70 -15.62 47.04
CA PHE C 29 -24.53 -15.45 48.21
C PHE C 29 -25.51 -14.30 48.05
N VAL C 30 -24.99 -13.11 47.77
CA VAL C 30 -25.83 -11.93 47.66
C VAL C 30 -27.07 -12.23 46.84
N ILE C 31 -26.88 -12.88 45.70
CA ILE C 31 -28.00 -13.17 44.82
C ILE C 31 -29.15 -13.77 45.62
N LEU C 32 -28.89 -14.92 46.25
CA LEU C 32 -29.90 -15.56 47.06
C LEU C 32 -30.62 -14.57 47.95
N ILE C 33 -29.87 -13.84 48.76
CA ILE C 33 -30.49 -12.92 49.70
C ILE C 33 -31.44 -11.99 48.98
N SER C 34 -30.95 -11.31 47.96
CA SER C 34 -31.82 -10.40 47.23
C SER C 34 -33.10 -11.11 46.83
N SER C 35 -32.97 -12.28 46.18
CA SER C 35 -34.15 -13.03 45.76
C SER C 35 -35.10 -13.22 46.93
N LEU C 36 -34.59 -13.78 48.04
CA LEU C 36 -35.45 -13.98 49.20
C LEU C 36 -36.17 -12.70 49.57
N ALA C 37 -35.42 -11.61 49.71
CA ALA C 37 -36.03 -10.34 50.03
C ALA C 37 -37.23 -10.08 49.14
N ALA C 38 -37.03 -10.14 47.83
CA ALA C 38 -38.10 -9.78 46.93
C ALA C 38 -39.36 -10.59 47.23
N MET C 39 -39.20 -11.89 47.46
CA MET C 39 -40.35 -12.72 47.83
C MET C 39 -41.17 -12.02 48.89
N LEU C 40 -40.55 -11.79 50.04
CA LEU C 40 -41.25 -11.12 51.13
C LEU C 40 -41.95 -9.87 50.63
N LEU C 41 -41.22 -9.02 49.91
CA LEU C 41 -41.80 -7.76 49.47
C LEU C 41 -43.02 -7.99 48.61
N GLN C 42 -42.91 -8.89 47.63
CA GLN C 42 -44.10 -9.26 46.87
C GLN C 42 -45.26 -9.52 47.81
N SER C 43 -45.07 -10.46 48.73
CA SER C 43 -46.11 -10.77 49.71
C SER C 43 -46.73 -9.50 50.21
N MET C 44 -45.92 -8.61 50.78
CA MET C 44 -46.46 -7.41 51.38
C MET C 44 -47.35 -6.68 50.40
N THR C 45 -46.82 -6.31 49.23
CA THR C 45 -47.64 -5.49 48.35
C THR C 45 -48.92 -6.21 47.98
N VAL C 46 -48.84 -7.53 47.76
CA VAL C 46 -50.03 -8.25 47.38
C VAL C 46 -51.10 -8.09 48.44
N ARG C 47 -50.72 -8.18 49.71
CA ARG C 47 -51.70 -7.91 50.77
C ARG C 47 -52.27 -6.51 50.59
N LEU C 48 -51.40 -5.52 50.53
CA LEU C 48 -51.88 -4.17 50.25
C LEU C 48 -52.66 -4.13 48.95
N GLY C 49 -52.24 -4.93 47.98
CA GLY C 49 -52.94 -4.92 46.71
C GLY C 49 -54.38 -5.36 46.82
N ILE C 50 -54.68 -6.26 47.76
CA ILE C 50 -55.99 -6.88 47.70
C ILE C 50 -56.96 -6.19 48.63
N ALA C 51 -56.48 -5.61 49.72
CA ALA C 51 -57.33 -4.87 50.62
C ALA C 51 -57.17 -3.39 50.35
N THR C 52 -57.93 -2.60 51.08
CA THR C 52 -57.81 -1.15 51.05
C THR C 52 -58.13 -0.59 49.66
N GLY C 53 -58.45 -1.47 48.71
CA GLY C 53 -58.92 -1.05 47.39
C GLY C 53 -58.15 0.09 46.76
N LYS C 54 -56.85 0.15 47.00
CA LYS C 54 -56.06 1.25 46.48
C LYS C 54 -54.85 0.69 45.75
N ASP C 55 -54.10 1.59 45.13
CA ASP C 55 -52.82 1.25 44.53
C ASP C 55 -51.72 1.97 45.28
N LEU C 56 -50.57 1.31 45.37
CA LEU C 56 -49.44 1.86 46.12
C LEU C 56 -49.22 3.32 45.79
N ALA C 57 -49.45 3.71 44.53
CA ALA C 57 -49.33 5.11 44.17
C ALA C 57 -50.36 5.95 44.90
N GLN C 58 -51.63 5.58 44.80
CA GLN C 58 -52.67 6.29 45.55
C GLN C 58 -52.30 6.35 47.02
N MET C 59 -51.78 5.26 47.55
CA MET C 59 -51.30 5.26 48.93
C MET C 59 -50.36 6.42 49.16
N THR C 60 -49.24 6.43 48.44
CA THR C 60 -48.28 7.52 48.60
C THR C 60 -48.96 8.86 48.55
N ARG C 61 -49.92 9.01 47.64
CA ARG C 61 -50.61 10.29 47.56
C ARG C 61 -51.34 10.60 48.86
N HIS C 62 -51.82 9.57 49.54
CA HIS C 62 -52.59 9.83 50.75
C HIS C 62 -51.73 10.00 52.00
N PHE C 63 -50.42 10.08 51.86
CA PHE C 63 -49.55 10.43 52.99
C PHE C 63 -48.71 11.66 52.73
N LEU C 64 -48.94 12.39 51.64
CA LEU C 64 -48.04 13.44 51.21
C LEU C 64 -48.80 14.71 50.93
N SER C 65 -48.08 15.72 50.45
CA SER C 65 -48.64 16.94 49.91
C SER C 65 -48.14 17.11 48.48
N LYS C 66 -48.67 18.13 47.81
CA LYS C 66 -48.36 18.39 46.41
C LYS C 66 -46.86 18.33 46.12
N PRO C 67 -46.01 19.11 46.81
CA PRO C 67 -44.60 19.15 46.39
C PRO C 67 -43.88 17.82 46.54
N VAL C 68 -43.88 17.25 47.73
CA VAL C 68 -43.22 15.97 47.92
C VAL C 68 -43.83 14.92 47.01
N ALA C 69 -45.10 15.09 46.66
CA ALA C 69 -45.67 14.26 45.62
C ALA C 69 -44.90 14.42 44.32
N ILE C 70 -44.65 15.66 43.93
CA ILE C 70 -43.84 15.88 42.73
C ILE C 70 -42.53 15.13 42.85
N ILE C 71 -41.95 15.16 44.04
CA ILE C 71 -40.63 14.57 44.25
C ILE C 71 -40.68 13.08 43.98
N PHE C 72 -41.53 12.38 44.70
CA PHE C 72 -41.57 10.94 44.54
C PHE C 72 -42.03 10.56 43.14
N TRP C 73 -42.80 11.43 42.49
CA TRP C 73 -43.16 11.15 41.10
C TRP C 73 -41.93 11.21 40.22
N ILE C 74 -41.09 12.22 40.42
CA ILE C 74 -39.81 12.28 39.71
C ILE C 74 -39.05 10.99 39.92
N ILE C 75 -39.02 10.50 41.15
CA ILE C 75 -38.22 9.32 41.46
C ILE C 75 -38.75 8.11 40.71
N ALA C 76 -40.06 7.90 40.74
CA ALA C 76 -40.62 6.74 40.04
C ALA C 76 -40.39 6.84 38.54
N GLU C 77 -40.59 8.04 37.98
CA GLU C 77 -40.30 8.23 36.56
C GLU C 77 -38.87 7.85 36.25
N LEU C 78 -37.93 8.24 37.12
CA LEU C 78 -36.54 7.94 36.87
C LEU C 78 -36.28 6.46 36.94
N ALA C 79 -36.93 5.77 37.87
CA ALA C 79 -36.82 4.32 37.90
C ALA C 79 -37.24 3.71 36.57
N ILE C 80 -38.39 4.13 36.06
CA ILE C 80 -38.88 3.58 34.79
C ILE C 80 -37.90 3.87 33.67
N ILE C 81 -37.42 5.11 33.61
CA ILE C 81 -36.48 5.48 32.57
C ILE C 81 -35.24 4.60 32.65
N ALA C 82 -34.78 4.31 33.87
CA ALA C 82 -33.61 3.47 34.01
C ALA C 82 -33.85 2.11 33.39
N THR C 83 -34.98 1.49 33.70
CA THR C 83 -35.25 0.19 33.12
C THR C 83 -35.31 0.27 31.60
N ASP C 84 -35.89 1.35 31.07
CA ASP C 84 -36.03 1.46 29.62
C ASP C 84 -34.69 1.64 28.94
N ILE C 85 -33.79 2.41 29.55
CA ILE C 85 -32.43 2.54 29.01
C ILE C 85 -31.75 1.18 28.95
N ALA C 86 -31.83 0.44 30.05
CA ALA C 86 -31.28 -0.91 30.03
C ALA C 86 -31.80 -1.69 28.84
N GLU C 87 -33.10 -1.62 28.62
CA GLU C 87 -33.68 -2.40 27.55
C GLU C 87 -33.16 -1.94 26.18
N VAL C 88 -33.15 -0.64 25.94
CA VAL C 88 -32.82 -0.18 24.59
C VAL C 88 -31.37 -0.52 24.27
N ILE C 89 -30.47 -0.42 25.25
CA ILE C 89 -29.10 -0.85 24.98
C ILE C 89 -29.06 -2.34 24.68
N GLY C 90 -29.81 -3.14 25.44
CA GLY C 90 -29.86 -4.56 25.12
C GLY C 90 -30.24 -4.80 23.68
N SER C 91 -31.30 -4.13 23.24
CA SER C 91 -31.77 -4.35 21.88
C SER C 91 -30.74 -3.90 20.86
N ALA C 92 -30.08 -2.77 21.11
CA ALA C 92 -29.12 -2.26 20.14
C ALA C 92 -27.95 -3.20 19.97
N ILE C 93 -27.42 -3.71 21.09
CA ILE C 93 -26.32 -4.67 20.99
C ILE C 93 -26.76 -5.91 20.24
N ALA C 94 -27.96 -6.40 20.54
CA ALA C 94 -28.45 -7.58 19.81
C ALA C 94 -28.44 -7.33 18.32
N LEU C 95 -28.96 -6.18 17.90
CA LEU C 95 -29.03 -5.89 16.47
C LEU C 95 -27.63 -5.80 15.87
N ASP C 96 -26.72 -5.09 16.53
CA ASP C 96 -25.38 -4.94 15.97
C ASP C 96 -24.70 -6.29 15.81
N LEU C 97 -24.89 -7.20 16.75
CA LEU C 97 -24.29 -8.52 16.58
C LEU C 97 -24.91 -9.25 15.42
N ILE C 98 -26.24 -9.35 15.38
CA ILE C 98 -26.84 -10.24 14.40
C ILE C 98 -26.61 -9.72 12.98
N PHE C 99 -26.78 -8.43 12.76
CA PHE C 99 -26.77 -7.92 11.40
C PHE C 99 -25.46 -7.28 11.00
N GLY C 100 -25.03 -6.26 11.74
CA GLY C 100 -23.80 -5.54 11.41
C GLY C 100 -23.98 -4.04 11.37
N ILE C 101 -25.20 -3.53 11.48
CA ILE C 101 -25.43 -2.10 11.49
C ILE C 101 -24.78 -1.51 12.73
N PRO C 102 -24.29 -0.28 12.68
CA PRO C 102 -23.64 0.29 13.86
C PRO C 102 -24.64 0.54 14.98
N LEU C 103 -24.18 1.05 16.11
CA LEU C 103 -25.07 1.13 17.26
C LEU C 103 -26.10 2.23 17.11
N ILE C 104 -25.70 3.40 16.63
CA ILE C 104 -26.60 4.55 16.63
C ILE C 104 -27.85 4.26 15.83
N VAL C 105 -27.68 3.64 14.66
CA VAL C 105 -28.85 3.32 13.85
C VAL C 105 -29.75 2.32 14.56
N GLY C 106 -29.16 1.35 15.27
CA GLY C 106 -29.97 0.41 16.00
C GLY C 106 -30.75 1.08 17.12
N ALA C 107 -30.11 2.01 17.82
CA ALA C 107 -30.79 2.74 18.88
C ALA C 107 -31.99 3.49 18.32
N LEU C 108 -31.79 4.19 17.21
CA LEU C 108 -32.90 4.95 16.63
C LEU C 108 -34.02 4.04 16.16
N ILE C 109 -33.66 2.94 15.50
CA ILE C 109 -34.68 1.97 15.09
C ILE C 109 -35.49 1.53 16.29
N THR C 110 -34.83 1.16 17.38
CA THR C 110 -35.54 0.70 18.55
C THR C 110 -36.47 1.77 19.09
N VAL C 111 -35.98 3.01 19.18
CA VAL C 111 -36.79 4.04 19.84
C VAL C 111 -38.05 4.30 19.04
N PHE C 112 -37.93 4.61 17.75
CA PHE C 112 -39.19 4.90 17.09
C PHE C 112 -39.85 3.65 16.51
N ASP C 113 -39.43 2.46 16.92
CA ASP C 113 -40.17 1.25 16.57
C ASP C 113 -40.88 0.67 17.78
N VAL C 114 -42.14 1.09 17.93
CA VAL C 114 -43.13 0.35 18.71
C VAL C 114 -44.27 -0.14 17.86
N PHE C 115 -44.30 0.23 16.57
CA PHE C 115 -45.35 -0.22 15.68
C PHE C 115 -45.32 -1.73 15.48
N LEU C 116 -44.15 -2.33 15.65
CA LEU C 116 -44.03 -3.78 15.57
C LEU C 116 -44.95 -4.45 16.56
N LEU C 117 -45.16 -3.80 17.71
CA LEU C 117 -45.94 -4.44 18.77
C LEU C 117 -47.43 -4.30 18.56
N LEU C 118 -47.88 -3.32 17.78
CA LEU C 118 -49.26 -3.33 17.33
C LEU C 118 -49.45 -4.30 16.17
N PHE C 119 -48.49 -4.33 15.25
CA PHE C 119 -48.57 -5.27 14.13
C PHE C 119 -48.66 -6.71 14.62
N ILE C 120 -47.73 -7.11 15.46
CA ILE C 120 -47.71 -8.50 15.91
C ILE C 120 -48.88 -8.79 16.83
N MET C 121 -49.39 -7.77 17.53
CA MET C 121 -50.60 -7.97 18.31
C MET C 121 -51.78 -8.30 17.41
N ARG C 122 -51.92 -7.55 16.31
CA ARG C 122 -52.91 -7.91 15.30
C ARG C 122 -52.57 -9.21 14.61
N PHE C 123 -51.35 -9.71 14.79
CA PHE C 123 -50.94 -10.95 14.15
C PHE C 123 -51.33 -12.19 14.93
N GLY C 124 -51.05 -12.25 16.23
CA GLY C 124 -51.42 -13.41 17.03
C GLY C 124 -50.49 -13.76 18.17
N PHE C 125 -51.05 -13.97 19.36
CA PHE C 125 -50.24 -14.12 20.57
C PHE C 125 -49.64 -15.51 20.68
N ARG C 126 -50.50 -16.53 20.77
CA ARG C 126 -50.08 -17.84 21.23
C ARG C 126 -48.83 -18.31 20.50
N LYS C 127 -48.79 -18.13 19.19
CA LYS C 127 -47.66 -18.62 18.41
C LYS C 127 -46.37 -17.91 18.80
N ILE C 128 -46.41 -16.58 18.91
CA ILE C 128 -45.18 -15.86 19.19
C ILE C 128 -44.70 -16.21 20.59
N GLU C 129 -45.62 -16.31 21.55
CA GLU C 129 -45.17 -16.62 22.89
C GLU C 129 -44.60 -18.02 22.97
N ALA C 130 -45.22 -18.97 22.27
CA ALA C 130 -44.69 -20.33 22.24
C ALA C 130 -43.29 -20.35 21.67
N ILE C 131 -43.07 -19.65 20.56
CA ILE C 131 -41.78 -19.75 19.90
C ILE C 131 -40.70 -19.07 20.73
N VAL C 132 -41.00 -17.92 21.35
CA VAL C 132 -39.97 -17.28 22.15
C VAL C 132 -39.65 -18.14 23.36
N GLY C 133 -40.66 -18.76 23.96
CA GLY C 133 -40.39 -19.67 25.07
C GLY C 133 -39.49 -20.82 24.66
N THR C 134 -39.77 -21.40 23.49
CA THR C 134 -38.92 -22.46 22.98
C THR C 134 -37.48 -21.99 22.85
N LEU C 135 -37.27 -20.83 22.22
CA LEU C 135 -35.90 -20.39 21.97
C LEU C 135 -35.16 -20.09 23.27
N ILE C 136 -35.84 -19.45 24.22
CA ILE C 136 -35.19 -19.14 25.48
C ILE C 136 -34.82 -20.43 26.21
N PHE C 137 -35.75 -21.37 26.28
CA PHE C 137 -35.47 -22.64 26.95
C PHE C 137 -34.28 -23.32 26.30
N THR C 138 -34.19 -23.25 24.97
CA THR C 138 -33.09 -23.90 24.29
C THR C 138 -31.77 -23.20 24.54
N VAL C 139 -31.77 -21.87 24.55
CA VAL C 139 -30.55 -21.13 24.88
C VAL C 139 -30.05 -21.53 26.26
N LEU C 140 -30.97 -21.66 27.20
CA LEU C 140 -30.56 -22.06 28.54
C LEU C 140 -29.99 -23.47 28.54
N ALA C 141 -30.58 -24.37 27.77
CA ALA C 141 -29.98 -25.68 27.60
C ALA C 141 -28.55 -25.55 27.12
N ILE C 142 -28.33 -24.71 26.12
CA ILE C 142 -26.99 -24.53 25.58
C ILE C 142 -26.03 -24.11 26.68
N PHE C 143 -26.41 -23.10 27.45
CA PHE C 143 -25.52 -22.66 28.51
C PHE C 143 -25.20 -23.80 29.45
N VAL C 144 -26.22 -24.55 29.85
CA VAL C 144 -26.00 -25.66 30.77
C VAL C 144 -24.95 -26.61 30.23
N PHE C 145 -25.13 -27.04 28.97
CA PHE C 145 -24.12 -27.88 28.33
C PHE C 145 -22.74 -27.27 28.47
N GLU C 146 -22.64 -25.97 28.20
CA GLU C 146 -21.37 -25.30 28.13
C GLU C 146 -20.58 -25.33 29.42
N VAL C 147 -21.25 -25.50 30.56
CA VAL C 147 -20.56 -25.52 31.84
C VAL C 147 -19.86 -26.85 31.99
N PHE C 148 -18.60 -26.82 32.41
CA PHE C 148 -17.70 -27.96 32.42
C PHE C 148 -17.03 -28.18 33.77
N ILE C 149 -15.98 -28.99 33.77
CA ILE C 149 -15.32 -29.47 34.98
C ILE C 149 -15.18 -28.35 35.98
N SER C 150 -15.67 -28.58 37.20
CA SER C 150 -15.76 -27.53 38.20
C SER C 150 -15.66 -28.17 39.57
N SER C 151 -15.29 -27.35 40.54
CA SER C 151 -15.10 -27.85 41.90
C SER C 151 -16.26 -27.39 42.76
N PRO C 152 -17.14 -28.28 43.19
CA PRO C 152 -18.36 -27.84 43.89
C PRO C 152 -18.06 -27.10 45.19
N GLN C 153 -17.23 -27.69 46.04
CA GLN C 153 -16.99 -27.12 47.35
C GLN C 153 -16.56 -25.67 47.26
N LEU C 154 -15.93 -25.28 46.16
CA LEU C 154 -15.61 -23.87 45.96
C LEU C 154 -16.87 -23.03 45.95
N THR C 155 -17.75 -23.29 44.98
CA THR C 155 -19.00 -22.56 44.89
C THR C 155 -19.73 -22.57 46.22
N ASP C 156 -19.84 -23.75 46.82
CA ASP C 156 -20.57 -23.86 48.08
C ASP C 156 -19.96 -22.95 49.13
N ILE C 157 -18.71 -23.24 49.53
CA ILE C 157 -18.07 -22.55 50.65
C ILE C 157 -17.95 -21.07 50.38
N LEU C 158 -18.06 -20.65 49.12
CA LEU C 158 -18.10 -19.21 48.90
C LEU C 158 -19.51 -18.68 49.00
N ASN C 159 -20.52 -19.49 48.70
CA ASN C 159 -21.89 -19.09 48.95
C ASN C 159 -22.12 -18.90 50.44
N GLY C 160 -21.56 -19.78 51.24
CA GLY C 160 -21.90 -19.84 52.64
C GLY C 160 -21.24 -18.78 53.50
N PHE C 161 -19.91 -18.75 53.53
CA PHE C 161 -19.26 -17.97 54.58
C PHE C 161 -19.45 -16.47 54.39
N VAL C 162 -19.74 -16.03 53.17
CA VAL C 162 -20.01 -14.62 52.92
C VAL C 162 -18.86 -13.76 53.42
N PRO C 163 -17.72 -13.68 52.73
CA PRO C 163 -16.59 -12.98 53.32
C PRO C 163 -16.89 -11.50 53.40
N HIS C 164 -17.25 -11.06 54.61
CA HIS C 164 -17.74 -9.70 54.77
C HIS C 164 -16.65 -8.71 54.42
N LYS C 165 -15.44 -8.96 54.94
CA LYS C 165 -14.26 -8.23 54.49
C LYS C 165 -14.31 -8.10 52.98
N GLU C 166 -14.54 -9.21 52.29
CA GLU C 166 -14.59 -9.15 50.84
C GLU C 166 -15.80 -8.37 50.38
N ILE C 167 -17.00 -8.75 50.81
CA ILE C 167 -18.22 -8.20 50.23
C ILE C 167 -18.28 -6.69 50.39
N VAL C 168 -17.55 -6.12 51.35
CA VAL C 168 -17.63 -4.70 51.58
C VAL C 168 -16.37 -3.95 51.15
N THR C 169 -15.21 -4.59 51.12
CA THR C 169 -13.99 -3.82 50.92
C THR C 169 -13.84 -3.36 49.48
N ASN C 170 -13.83 -4.31 48.55
CA ASN C 170 -13.62 -3.93 47.16
C ASN C 170 -14.77 -3.07 46.71
N GLN C 171 -14.54 -1.79 46.53
CA GLN C 171 -15.73 -1.06 46.10
C GLN C 171 -16.08 -1.35 44.69
N GLY C 172 -15.42 -2.31 44.08
CA GLY C 172 -15.93 -2.90 42.87
C GLY C 172 -16.95 -3.95 43.22
N ILE C 173 -16.88 -4.49 44.44
CA ILE C 173 -17.83 -5.51 44.84
C ILE C 173 -19.19 -4.91 45.14
N LEU C 174 -19.23 -3.88 45.96
CA LEU C 174 -20.51 -3.23 46.23
C LEU C 174 -21.19 -2.84 44.94
N TYR C 175 -20.43 -2.45 43.93
CA TYR C 175 -21.04 -2.02 42.68
C TYR C 175 -21.88 -3.12 42.08
N ILE C 176 -21.26 -4.25 41.74
CA ILE C 176 -22.02 -5.33 41.14
C ILE C 176 -23.03 -5.88 42.14
N ALA C 177 -22.78 -5.73 43.42
CA ALA C 177 -23.76 -6.18 44.40
C ALA C 177 -25.07 -5.42 44.25
N LEU C 178 -24.99 -4.10 44.37
CA LEU C 178 -26.18 -3.28 44.16
C LEU C 178 -26.78 -3.55 42.81
N GLY C 179 -25.94 -3.79 41.80
CA GLY C 179 -26.47 -4.14 40.50
C GLY C 179 -27.40 -5.34 40.58
N ILE C 180 -26.91 -6.44 41.17
CA ILE C 180 -27.72 -7.63 41.26
C ILE C 180 -29.00 -7.38 42.03
N ILE C 181 -28.91 -6.64 43.13
CA ILE C 181 -30.11 -6.44 43.94
C ILE C 181 -31.14 -5.64 43.16
N GLY C 182 -30.78 -4.41 42.78
CA GLY C 182 -31.70 -3.58 42.05
C GLY C 182 -32.19 -4.20 40.76
N ALA C 183 -31.48 -5.20 40.26
CA ALA C 183 -32.02 -5.88 39.09
C ALA C 183 -32.89 -7.06 39.47
N THR C 184 -32.84 -7.52 40.71
CA THR C 184 -33.75 -8.58 41.14
C THR C 184 -35.02 -8.03 41.75
N ILE C 185 -35.04 -6.76 42.15
CA ILE C 185 -36.26 -6.23 42.75
C ILE C 185 -37.09 -5.46 41.73
N MET C 186 -36.52 -4.41 41.14
CA MET C 186 -37.17 -3.69 40.05
C MET C 186 -38.49 -3.06 40.45
N PRO C 187 -38.47 -1.97 41.23
CA PRO C 187 -39.69 -1.34 41.74
C PRO C 187 -40.90 -1.26 40.82
N HIS C 188 -40.67 -1.07 39.52
CA HIS C 188 -41.80 -1.06 38.61
C HIS C 188 -42.60 -2.35 38.74
N ASN C 189 -41.92 -3.45 39.02
CA ASN C 189 -42.64 -4.69 39.30
C ASN C 189 -43.52 -4.54 40.54
N LEU C 190 -43.05 -3.79 41.54
CA LEU C 190 -43.86 -3.59 42.74
C LEU C 190 -45.16 -2.88 42.41
N TYR C 191 -45.07 -1.71 41.77
CA TYR C 191 -46.30 -1.00 41.41
C TYR C 191 -47.20 -1.86 40.55
N LEU C 192 -46.63 -2.53 39.57
CA LEU C 192 -47.44 -3.29 38.63
C LEU C 192 -48.19 -4.41 39.34
N HIS C 193 -47.53 -5.09 40.29
CA HIS C 193 -48.25 -6.13 40.99
C HIS C 193 -49.33 -5.56 41.88
N SER C 194 -49.01 -4.49 42.61
CA SER C 194 -50.02 -3.82 43.42
C SER C 194 -51.28 -3.57 42.61
N SER C 195 -51.11 -3.14 41.37
CA SER C 195 -52.30 -2.89 40.55
C SER C 195 -52.95 -4.18 40.10
N ILE C 196 -52.17 -5.08 39.51
CA ILE C 196 -52.75 -6.21 38.79
C ILE C 196 -53.53 -7.12 39.73
N VAL C 197 -53.10 -7.21 40.99
CA VAL C 197 -53.86 -8.05 41.91
C VAL C 197 -55.30 -7.58 42.03
N GLN C 198 -55.57 -6.31 41.76
CA GLN C 198 -56.88 -5.73 42.02
C GLN C 198 -57.99 -6.40 41.24
N SER C 199 -57.67 -7.40 40.42
CA SER C 199 -58.71 -8.03 39.61
C SER C 199 -58.46 -9.53 39.55
N ARG C 200 -59.04 -10.25 40.50
CA ARG C 200 -59.01 -11.71 40.44
C ARG C 200 -60.32 -12.32 40.93
N LYS C 201 -61.45 -11.64 40.74
CA LYS C 201 -62.78 -12.13 41.07
C LYS C 201 -62.97 -12.34 42.56
N TYR C 202 -62.08 -11.80 43.38
CA TYR C 202 -62.35 -11.69 44.81
C TYR C 202 -63.55 -10.79 45.05
N ASP C 203 -64.35 -11.13 46.05
CA ASP C 203 -65.56 -10.38 46.37
C ASP C 203 -65.13 -9.10 47.07
N ARG C 204 -64.84 -8.07 46.26
CA ARG C 204 -63.92 -7.00 46.62
C ARG C 204 -63.95 -6.62 48.09
N HIS C 205 -65.12 -6.27 48.60
CA HIS C 205 -65.29 -6.06 50.03
C HIS C 205 -66.17 -7.10 50.67
N ASP C 206 -67.13 -7.64 49.92
CA ASP C 206 -68.05 -8.60 50.47
C ASP C 206 -67.47 -10.00 50.48
N ASN C 207 -66.23 -10.11 50.95
CA ASN C 207 -65.70 -11.39 51.43
C ASN C 207 -64.54 -11.06 52.36
N GLN C 208 -64.80 -11.05 53.66
CA GLN C 208 -63.67 -10.90 54.57
C GLN C 208 -62.75 -12.10 54.46
N GLU C 209 -63.30 -13.24 54.10
CA GLU C 209 -62.48 -14.42 53.82
C GLU C 209 -62.16 -14.53 52.33
N LYS C 210 -61.66 -13.44 51.75
CA LYS C 210 -61.11 -13.50 50.41
C LYS C 210 -59.64 -13.85 50.41
N ALA C 211 -59.01 -13.81 51.58
CA ALA C 211 -57.58 -14.06 51.69
C ALA C 211 -57.17 -15.36 51.04
N GLN C 212 -58.11 -16.25 50.76
CA GLN C 212 -57.80 -17.37 49.89
C GLN C 212 -57.11 -16.88 48.62
N ALA C 213 -57.64 -15.82 48.03
CA ALA C 213 -56.99 -15.22 46.88
C ALA C 213 -55.57 -14.81 47.21
N ILE C 214 -55.38 -14.21 48.39
CA ILE C 214 -54.05 -13.80 48.81
C ILE C 214 -53.11 -14.99 48.76
N LYS C 215 -53.51 -16.09 49.40
CA LYS C 215 -52.63 -17.25 49.46
C LYS C 215 -52.32 -17.76 48.07
N TYR C 216 -53.34 -17.86 47.21
CA TYR C 216 -53.11 -18.38 45.88
C TYR C 216 -52.12 -17.50 45.12
N ALA C 217 -52.35 -16.20 45.14
CA ALA C 217 -51.49 -15.29 44.40
C ALA C 217 -50.07 -15.33 44.93
N THR C 218 -49.90 -15.39 46.24
CA THR C 218 -48.56 -15.41 46.79
C THR C 218 -47.84 -16.68 46.41
N ILE C 219 -48.55 -17.80 46.39
CA ILE C 219 -47.93 -19.03 45.92
C ILE C 219 -47.41 -18.84 44.50
N ASP C 220 -48.23 -18.25 43.65
CA ASP C 220 -47.78 -18.03 42.28
C ASP C 220 -46.53 -17.15 42.25
N SER C 221 -46.58 -16.03 42.97
CA SER C 221 -45.47 -15.09 42.94
C SER C 221 -44.18 -15.74 43.43
N ASN C 222 -44.29 -16.57 44.46
CA ASN C 222 -43.10 -17.23 44.98
C ASN C 222 -42.54 -18.22 43.97
N LEU C 223 -43.39 -19.01 43.34
CA LEU C 223 -42.89 -19.89 42.28
C LEU C 223 -42.11 -19.10 41.25
N GLN C 224 -42.69 -18.01 40.79
CA GLN C 224 -42.05 -17.19 39.77
C GLN C 224 -40.68 -16.72 40.23
N LEU C 225 -40.61 -16.10 41.40
CA LEU C 225 -39.33 -15.57 41.84
C LEU C 225 -38.32 -16.67 42.08
N SER C 226 -38.76 -17.84 42.51
CA SER C 226 -37.81 -18.93 42.72
C SER C 226 -37.16 -19.33 41.41
N ILE C 227 -37.96 -19.45 40.36
CA ILE C 227 -37.35 -19.85 39.10
C ILE C 227 -36.41 -18.75 38.62
N ALA C 228 -36.75 -17.49 38.90
CA ALA C 228 -35.84 -16.41 38.55
C ALA C 228 -34.51 -16.54 39.29
N PHE C 229 -34.58 -16.93 40.56
CA PHE C 229 -33.36 -17.15 41.32
C PHE C 229 -32.50 -18.23 40.69
N VAL C 230 -33.11 -19.33 40.30
CA VAL C 230 -32.32 -20.41 39.70
C VAL C 230 -31.61 -19.91 38.45
N VAL C 231 -32.34 -19.19 37.60
CA VAL C 231 -31.73 -18.68 36.36
C VAL C 231 -30.56 -17.77 36.67
N ASN C 232 -30.74 -16.84 37.61
CA ASN C 232 -29.64 -15.93 37.93
C ASN C 232 -28.42 -16.70 38.43
N CYS C 233 -28.63 -17.67 39.32
CA CYS C 233 -27.51 -18.46 39.79
C CYS C 233 -26.80 -19.13 38.63
N LEU C 234 -27.56 -19.61 37.66
CA LEU C 234 -26.92 -20.25 36.51
C LEU C 234 -26.04 -19.26 35.76
N LEU C 235 -26.59 -18.11 35.39
CA LEU C 235 -25.81 -17.15 34.63
C LEU C 235 -24.53 -16.76 35.37
N LEU C 236 -24.62 -16.56 36.68
CA LEU C 236 -23.42 -16.22 37.43
C LEU C 236 -22.38 -17.31 37.32
N THR C 237 -22.75 -18.54 37.64
CA THR C 237 -21.71 -19.55 37.57
C THR C 237 -21.20 -19.73 36.16
N LEU C 238 -21.98 -19.34 35.16
CA LEU C 238 -21.48 -19.40 33.79
C LEU C 238 -20.36 -18.41 33.58
N GLY C 239 -20.59 -17.15 33.92
CA GLY C 239 -19.52 -16.17 33.86
C GLY C 239 -18.28 -16.66 34.58
N ALA C 240 -18.48 -17.32 35.71
CA ALA C 240 -17.34 -17.84 36.45
C ALA C 240 -16.59 -18.88 35.65
N ALA C 241 -17.28 -19.92 35.20
CA ALA C 241 -16.59 -21.03 34.55
C ALA C 241 -16.09 -20.67 33.16
N LEU C 242 -16.43 -19.51 32.64
CA LEU C 242 -15.95 -19.13 31.32
C LEU C 242 -14.97 -17.98 31.33
N PHE C 243 -14.73 -17.31 32.44
CA PHE C 243 -13.75 -16.23 32.37
C PHE C 243 -12.85 -16.11 33.58
N PHE C 244 -12.86 -17.04 34.51
CA PHE C 244 -12.19 -16.74 35.77
C PHE C 244 -10.81 -17.37 35.82
N GLY C 245 -9.95 -16.78 36.63
CA GLY C 245 -8.59 -17.26 36.81
C GLY C 245 -7.72 -17.07 35.59
N THR C 246 -7.82 -15.93 34.92
CA THR C 246 -7.12 -15.75 33.66
C THR C 246 -6.23 -14.54 33.69
N LYS C 247 -5.70 -14.18 32.52
CA LYS C 247 -4.92 -12.97 32.35
C LYS C 247 -5.83 -11.84 31.88
N THR C 248 -5.46 -10.63 32.30
CA THR C 248 -6.12 -9.39 31.88
C THR C 248 -7.55 -9.32 32.40
N ASN C 249 -8.03 -10.39 33.03
CA ASN C 249 -9.34 -10.46 33.66
C ASN C 249 -10.39 -9.69 32.85
N ASP C 250 -10.58 -10.14 31.62
CA ASP C 250 -11.53 -9.50 30.72
C ASP C 250 -12.88 -9.29 31.40
N LEU C 251 -13.48 -8.13 31.15
CA LEU C 251 -14.64 -7.70 31.90
C LEU C 251 -15.74 -8.76 31.91
N GLY C 252 -16.15 -9.19 30.73
CA GLY C 252 -17.21 -10.18 30.64
C GLY C 252 -18.58 -9.59 30.44
N GLY C 253 -18.71 -8.70 29.46
CA GLY C 253 -20.00 -8.13 29.16
C GLY C 253 -20.83 -9.05 28.30
N PHE C 254 -21.42 -8.53 27.23
CA PHE C 254 -22.13 -9.35 26.27
C PHE C 254 -21.19 -9.85 25.18
N TYR C 255 -20.57 -8.92 24.46
CA TYR C 255 -19.70 -9.25 23.34
C TYR C 255 -18.78 -10.39 23.66
N ASP C 256 -18.14 -10.31 24.83
CA ASP C 256 -17.16 -11.34 25.17
C ASP C 256 -17.83 -12.70 25.24
N LEU C 257 -19.03 -12.76 25.78
CA LEU C 257 -19.74 -14.03 25.75
C LEU C 257 -20.04 -14.45 24.33
N TYR C 258 -20.48 -13.50 23.50
CA TYR C 258 -20.88 -13.84 22.14
C TYR C 258 -19.72 -14.43 21.38
N HIS C 259 -18.52 -13.93 21.63
CA HIS C 259 -17.36 -14.49 20.97
C HIS C 259 -16.96 -15.81 21.58
N ALA C 260 -16.83 -15.85 22.91
CA ALA C 260 -16.40 -17.07 23.58
C ALA C 260 -17.25 -18.25 23.15
N LEU C 261 -18.53 -18.02 22.91
CA LEU C 261 -19.34 -19.10 22.38
C LEU C 261 -18.91 -19.49 20.99
N LYS C 262 -18.53 -18.52 20.16
CA LYS C 262 -18.18 -18.87 18.80
C LYS C 262 -16.83 -19.56 18.74
N THR C 263 -15.80 -18.94 19.30
CA THR C 263 -14.49 -19.56 19.18
C THR C 263 -14.31 -20.74 20.09
N GLU C 264 -15.36 -21.17 20.77
CA GLU C 264 -15.23 -22.29 21.69
C GLU C 264 -14.75 -23.52 20.95
N PRO C 265 -13.61 -24.08 21.32
CA PRO C 265 -13.06 -25.23 20.59
C PRO C 265 -13.96 -26.45 20.55
N VAL C 266 -14.30 -26.99 21.71
CA VAL C 266 -14.86 -28.34 21.78
C VAL C 266 -16.23 -28.39 21.12
N LEU C 267 -16.76 -27.21 20.78
CA LEU C 267 -18.06 -27.11 20.15
C LEU C 267 -17.95 -27.19 18.63
N GLY C 268 -16.85 -27.72 18.11
CA GLY C 268 -16.69 -27.72 16.68
C GLY C 268 -16.46 -26.31 16.15
N ALA C 269 -16.82 -26.10 14.89
CA ALA C 269 -16.64 -24.81 14.24
C ALA C 269 -17.96 -24.13 13.93
N THR C 270 -18.85 -24.79 13.19
CA THR C 270 -20.10 -24.13 12.80
C THR C 270 -21.03 -23.98 13.99
N LEU C 271 -21.11 -25.00 14.84
CA LEU C 271 -21.96 -24.92 16.02
C LEU C 271 -21.70 -23.66 16.81
N GLY C 272 -20.45 -23.20 16.80
CA GLY C 272 -20.13 -21.91 17.39
C GLY C 272 -21.06 -20.84 16.87
N GLY C 273 -21.05 -20.63 15.55
CA GLY C 273 -21.90 -19.60 14.99
C GLY C 273 -23.37 -19.87 15.23
N ILE C 274 -23.77 -21.14 15.20
CA ILE C 274 -25.16 -21.47 15.42
C ILE C 274 -25.62 -20.95 16.78
N MET C 275 -24.96 -21.44 17.83
CA MET C 275 -25.31 -20.98 19.17
C MET C 275 -25.16 -19.49 19.28
N SER C 276 -24.21 -18.91 18.56
CA SER C 276 -24.01 -17.48 18.60
C SER C 276 -25.29 -16.75 18.21
N THR C 277 -25.75 -17.02 17.00
CA THR C 277 -26.93 -16.33 16.51
C THR C 277 -28.16 -16.66 17.35
N LEU C 278 -28.26 -17.89 17.85
CA LEU C 278 -29.35 -18.21 18.76
C LEU C 278 -29.34 -17.27 19.96
N PHE C 279 -28.17 -17.13 20.58
CA PHE C 279 -28.02 -16.21 21.69
C PHE C 279 -28.48 -14.81 21.30
N ALA C 280 -28.07 -14.36 20.12
CA ALA C 280 -28.46 -13.02 19.68
C ALA C 280 -29.98 -12.87 19.66
N VAL C 281 -30.65 -13.85 19.05
CA VAL C 281 -32.11 -13.82 18.99
C VAL C 281 -32.69 -13.73 20.38
N ALA C 282 -32.16 -14.55 21.30
CA ALA C 282 -32.66 -14.54 22.66
C ALA C 282 -32.56 -13.16 23.26
N LEU C 283 -31.41 -12.52 23.10
CA LEU C 283 -31.22 -11.18 23.64
C LEU C 283 -32.29 -10.24 23.13
N LEU C 284 -32.51 -10.27 21.82
CA LEU C 284 -33.47 -9.34 21.25
C LEU C 284 -34.86 -9.52 21.85
N ALA C 285 -35.34 -10.77 21.85
CA ALA C 285 -36.69 -11.02 22.33
C ALA C 285 -36.84 -10.62 23.78
N SER C 286 -35.83 -10.91 24.60
CA SER C 286 -35.90 -10.55 26.01
C SER C 286 -36.04 -9.04 26.17
N GLY C 287 -35.23 -8.29 25.42
CA GLY C 287 -35.37 -6.84 25.46
C GLY C 287 -36.79 -6.40 25.19
N GLN C 288 -37.38 -6.92 24.12
CA GLN C 288 -38.71 -6.42 23.75
C GLN C 288 -39.75 -6.70 24.83
N ASN C 289 -39.79 -7.91 25.36
CA ASN C 289 -40.82 -8.19 26.36
C ASN C 289 -40.61 -7.38 27.63
N SER C 290 -39.34 -7.21 28.04
CA SER C 290 -39.07 -6.38 29.20
C SER C 290 -39.58 -4.97 28.99
N THR C 291 -39.53 -4.46 27.75
CA THR C 291 -40.17 -3.18 27.50
C THR C 291 -41.67 -3.26 27.72
N ILE C 292 -42.32 -4.19 27.03
CA ILE C 292 -43.78 -4.13 26.94
C ILE C 292 -44.43 -4.25 28.32
N THR C 293 -43.76 -4.94 29.24
CA THR C 293 -44.40 -5.11 30.55
C THR C 293 -44.54 -3.79 31.31
N GLY C 294 -43.61 -2.84 31.11
CA GLY C 294 -43.52 -1.73 32.05
C GLY C 294 -44.35 -0.52 31.67
N THR C 295 -44.95 -0.55 30.49
CA THR C 295 -45.78 0.57 30.07
C THR C 295 -46.92 0.81 31.04
N LEU C 296 -47.64 -0.27 31.37
CA LEU C 296 -48.71 -0.17 32.37
C LEU C 296 -48.18 0.39 33.67
N ALA C 297 -46.96 0.02 34.05
CA ALA C 297 -46.39 0.53 35.29
C ALA C 297 -46.25 2.03 35.24
N GLY C 298 -45.66 2.54 34.17
CA GLY C 298 -45.56 3.98 34.02
C GLY C 298 -46.91 4.66 34.09
N GLN C 299 -47.88 4.10 33.38
CA GLN C 299 -49.23 4.65 33.41
C GLN C 299 -49.77 4.69 34.82
N ILE C 300 -49.62 3.60 35.57
CA ILE C 300 -50.15 3.54 36.92
C ILE C 300 -49.50 4.60 37.79
N VAL C 301 -48.17 4.75 37.67
CA VAL C 301 -47.48 5.74 38.48
C VAL C 301 -48.05 7.11 38.21
N MET C 302 -48.13 7.51 36.94
CA MET C 302 -48.57 8.87 36.67
C MET C 302 -50.01 9.06 37.08
N GLU C 303 -50.85 8.04 36.89
CA GLU C 303 -52.23 8.14 37.32
C GLU C 303 -52.32 8.33 38.82
N GLY C 304 -51.44 7.67 39.56
CA GLY C 304 -51.53 7.76 41.00
C GLY C 304 -51.05 9.10 41.53
N PHE C 305 -49.85 9.51 41.15
CA PHE C 305 -49.27 10.67 41.80
C PHE C 305 -49.87 11.97 41.32
N LEU C 306 -50.06 12.12 40.02
CA LEU C 306 -50.58 13.35 39.45
C LEU C 306 -52.07 13.30 39.19
N ARG C 307 -52.67 12.12 39.27
CA ARG C 307 -54.11 11.97 39.03
C ARG C 307 -54.46 12.42 37.63
N LEU C 308 -53.54 12.24 36.70
CA LEU C 308 -53.74 12.58 35.30
C LEU C 308 -53.55 11.33 34.46
N SER C 309 -53.91 11.42 33.18
CA SER C 309 -53.90 10.26 32.31
C SER C 309 -53.56 10.66 30.88
N ILE C 310 -53.05 9.68 30.13
CA ILE C 310 -52.73 9.83 28.71
C ILE C 310 -52.98 8.50 28.02
N PRO C 311 -53.20 8.53 26.72
CA PRO C 311 -53.20 7.27 25.96
C PRO C 311 -51.82 6.63 26.04
N ASN C 312 -51.77 5.34 25.76
CA ASN C 312 -50.56 4.57 25.99
C ASN C 312 -49.47 4.86 24.98
N TRP C 313 -49.79 4.93 23.69
CA TRP C 313 -48.74 5.11 22.69
C TRP C 313 -47.93 6.37 22.97
N LEU C 314 -48.58 7.46 23.35
CA LEU C 314 -47.84 8.66 23.72
C LEU C 314 -46.93 8.39 24.90
N ARG C 315 -47.46 7.75 25.94
CA ARG C 315 -46.67 7.42 27.12
C ARG C 315 -45.40 6.68 26.74
N ARG C 316 -45.58 5.54 26.08
CA ARG C 316 -44.43 4.71 25.72
C ARG C 316 -43.44 5.50 24.88
N LEU C 317 -43.94 6.22 23.88
CA LEU C 317 -43.04 6.94 22.99
C LEU C 317 -42.21 7.95 23.75
N ILE C 318 -42.86 8.81 24.52
CA ILE C 318 -42.11 9.89 25.15
C ILE C 318 -41.13 9.32 26.16
N THR C 319 -41.53 8.28 26.90
CA THR C 319 -40.61 7.67 27.83
C THR C 319 -39.39 7.11 27.10
N ARG C 320 -39.64 6.34 26.03
CA ARG C 320 -38.55 5.75 25.28
C ARG C 320 -37.60 6.81 24.75
N ALA C 321 -38.14 7.94 24.31
CA ALA C 321 -37.27 8.96 23.73
C ALA C 321 -36.41 9.60 24.79
N LEU C 322 -37.03 10.02 25.90
CA LEU C 322 -36.22 10.58 26.96
C LEU C 322 -35.27 9.55 27.54
N ALA C 323 -35.51 8.27 27.27
CA ALA C 323 -34.55 7.27 27.67
C ALA C 323 -33.40 7.18 26.69
N VAL C 324 -33.69 7.29 25.39
CA VAL C 324 -32.64 7.07 24.40
C VAL C 324 -31.69 8.25 24.35
N ILE C 325 -32.11 9.44 24.77
CA ILE C 325 -31.18 10.57 24.76
C ILE C 325 -29.86 10.28 25.45
N PRO C 326 -29.83 9.78 26.69
CA PRO C 326 -28.52 9.48 27.30
C PRO C 326 -27.70 8.48 26.54
N VAL C 327 -28.33 7.50 25.90
CA VAL C 327 -27.58 6.54 25.10
C VAL C 327 -26.80 7.27 24.02
N ILE C 328 -27.48 8.09 23.23
CA ILE C 328 -26.79 8.77 22.15
C ILE C 328 -25.75 9.74 22.68
N ILE C 329 -26.04 10.43 23.77
CA ILE C 329 -25.02 11.31 24.35
C ILE C 329 -23.76 10.52 24.65
N CYS C 330 -23.91 9.39 25.35
CA CYS C 330 -22.73 8.61 25.72
C CYS C 330 -22.03 8.07 24.49
N LEU C 331 -22.78 7.62 23.49
CA LEU C 331 -22.17 7.09 22.28
C LEU C 331 -21.30 8.13 21.61
N ILE C 332 -21.88 9.30 21.32
CA ILE C 332 -21.13 10.32 20.61
C ILE C 332 -19.96 10.81 21.44
N ILE C 333 -20.14 10.96 22.75
CA ILE C 333 -19.03 11.43 23.58
C ILE C 333 -17.89 10.43 23.54
N PHE C 334 -18.17 9.17 23.83
CA PHE C 334 -17.13 8.16 23.88
C PHE C 334 -16.93 7.45 22.56
N LYS C 335 -17.41 8.02 21.47
CA LYS C 335 -17.07 7.63 20.10
C LYS C 335 -17.30 6.16 19.82
N GLY C 336 -18.04 5.47 20.68
CA GLY C 336 -18.29 4.07 20.49
C GLY C 336 -17.30 3.21 21.25
N ASN C 337 -17.74 2.61 22.34
CA ASN C 337 -16.86 1.72 23.10
C ASN C 337 -17.74 0.73 23.86
N SER C 338 -17.82 -0.49 23.33
CA SER C 338 -18.54 -1.57 24.00
C SER C 338 -18.33 -1.52 25.50
N GLU C 339 -17.08 -1.39 25.92
CA GLU C 339 -16.80 -1.28 27.34
C GLU C 339 -17.58 -0.14 27.97
N LYS C 340 -17.58 1.03 27.31
CA LYS C 340 -18.25 2.18 27.90
C LYS C 340 -19.76 1.97 27.94
N ILE C 341 -20.33 1.36 26.91
CA ILE C 341 -21.78 1.17 26.90
C ILE C 341 -22.20 0.17 27.97
N GLU C 342 -21.51 -0.96 28.06
CA GLU C 342 -21.87 -1.91 29.10
C GLU C 342 -21.67 -1.30 30.48
N GLN C 343 -20.68 -0.42 30.64
CA GLN C 343 -20.54 0.25 31.92
C GLN C 343 -21.73 1.16 32.20
N LEU C 344 -22.21 1.86 31.18
CA LEU C 344 -23.43 2.64 31.36
C LEU C 344 -24.59 1.76 31.80
N LEU C 345 -24.71 0.59 31.20
CA LEU C 345 -25.80 -0.32 31.54
C LEU C 345 -25.77 -0.67 33.02
N VAL C 346 -24.62 -1.14 33.49
CA VAL C 346 -24.53 -1.52 34.90
C VAL C 346 -24.81 -0.32 35.79
N PHE C 347 -24.35 0.86 35.38
CA PHE C 347 -24.63 2.03 36.21
C PHE C 347 -26.12 2.31 36.26
N SER C 348 -26.83 2.04 35.17
CA SER C 348 -28.28 2.20 35.19
C SER C 348 -28.90 1.29 36.24
N GLN C 349 -28.53 0.01 36.21
CA GLN C 349 -29.10 -0.90 37.20
C GLN C 349 -28.82 -0.42 38.62
N VAL C 350 -27.57 -0.07 38.91
CA VAL C 350 -27.29 0.35 40.28
C VAL C 350 -28.04 1.60 40.64
N PHE C 351 -28.28 2.48 39.68
CA PHE C 351 -29.10 3.63 40.01
C PHE C 351 -30.52 3.21 40.37
N LEU C 352 -31.03 2.20 39.69
CA LEU C 352 -32.34 1.65 40.08
C LEU C 352 -32.32 1.23 41.54
N SER C 353 -31.28 0.52 41.92
CA SER C 353 -31.22 0.01 43.28
C SER C 353 -30.97 1.14 44.28
N ILE C 354 -30.45 2.27 43.80
CA ILE C 354 -30.35 3.44 44.64
C ILE C 354 -31.72 4.04 44.88
N ALA C 355 -32.55 4.06 43.84
CA ALA C 355 -33.84 4.72 43.95
C ALA C 355 -34.81 3.91 44.80
N LEU C 356 -34.67 2.59 44.80
CA LEU C 356 -35.59 1.70 45.53
C LEU C 356 -36.11 2.22 46.87
N PRO C 357 -35.29 2.64 47.84
CA PRO C 357 -35.82 2.92 49.17
C PRO C 357 -36.91 3.97 49.20
N PHE C 358 -36.83 4.98 48.33
CA PHE C 358 -37.87 6.00 48.33
C PHE C 358 -39.23 5.42 47.98
N SER C 359 -39.26 4.25 47.35
CA SER C 359 -40.51 3.56 47.11
C SER C 359 -40.69 2.37 48.03
N LEU C 360 -39.68 2.01 48.80
CA LEU C 360 -39.89 0.93 49.76
C LEU C 360 -40.48 1.44 51.06
N ILE C 361 -40.00 2.59 51.54
CA ILE C 361 -40.45 3.08 52.85
C ILE C 361 -41.98 3.19 52.95
N PRO C 362 -42.68 3.87 52.05
CA PRO C 362 -44.12 4.03 52.28
C PRO C 362 -44.84 2.71 52.26
N LEU C 363 -44.31 1.74 51.52
CA LEU C 363 -44.94 0.42 51.52
C LEU C 363 -44.99 -0.14 52.93
N GLN C 364 -43.86 -0.14 53.62
CA GLN C 364 -43.83 -0.62 54.98
C GLN C 364 -44.76 0.19 55.85
N LEU C 365 -44.65 1.52 55.78
CA LEU C 365 -45.51 2.34 56.61
C LEU C 365 -46.97 1.97 56.45
N ALA C 366 -47.45 1.97 55.21
CA ALA C 366 -48.86 1.67 54.96
C ALA C 366 -49.21 0.27 55.45
N THR C 367 -48.30 -0.66 55.30
CA THR C 367 -48.75 -1.92 55.86
C THR C 367 -48.68 -1.94 57.33
N SER C 368 -48.23 -0.89 58.00
CA SER C 368 -48.30 -0.92 59.45
C SER C 368 -49.63 -0.43 60.03
N ASN C 369 -50.56 0.06 59.20
CA ASN C 369 -51.78 0.66 59.75
C ASN C 369 -53.02 -0.23 59.62
N LYS C 370 -53.37 -0.62 58.39
CA LYS C 370 -54.71 -1.13 58.09
C LYS C 370 -54.94 -2.50 58.71
N LYS C 371 -56.12 -3.07 58.41
CA LYS C 371 -56.60 -4.24 59.14
C LYS C 371 -55.61 -5.40 59.13
N LEU C 372 -55.08 -5.76 57.97
CA LEU C 372 -54.12 -6.86 57.85
C LEU C 372 -52.72 -6.30 58.02
N MET C 373 -51.92 -6.92 58.89
CA MET C 373 -50.55 -6.49 59.12
C MET C 373 -49.65 -7.68 59.34
N GLY C 374 -48.40 -7.56 58.95
CA GLY C 374 -47.42 -8.57 59.23
C GLY C 374 -47.02 -8.50 60.69
N PRO C 375 -46.84 -9.66 61.31
CA PRO C 375 -46.29 -9.70 62.67
C PRO C 375 -44.83 -9.26 62.75
N PHE C 376 -43.97 -9.84 61.94
CA PHE C 376 -42.55 -9.46 61.91
C PHE C 376 -42.26 -8.56 60.71
N ILE C 377 -42.66 -7.30 60.84
CA ILE C 377 -42.14 -6.26 59.95
C ILE C 377 -40.66 -6.03 60.17
N ASN C 378 -40.11 -6.65 61.22
CA ASN C 378 -38.74 -6.37 61.62
C ASN C 378 -37.76 -6.74 60.53
N LYS C 379 -38.07 -7.79 59.77
CA LYS C 379 -37.22 -8.14 58.64
C LYS C 379 -37.11 -6.99 57.66
N THR C 380 -38.24 -6.39 57.29
CA THR C 380 -38.18 -5.27 56.36
C THR C 380 -37.46 -4.08 56.97
N TRP C 381 -37.65 -3.86 58.27
CA TRP C 381 -36.95 -2.74 58.88
C TRP C 381 -35.44 -2.93 58.78
N VAL C 382 -34.94 -4.08 59.22
CA VAL C 382 -33.50 -4.31 59.14
C VAL C 382 -33.04 -4.24 57.70
N ASN C 383 -33.88 -4.72 56.78
CA ASN C 383 -33.53 -4.67 55.37
C ASN C 383 -33.28 -3.25 54.94
N ILE C 384 -34.25 -2.38 55.13
CA ILE C 384 -34.11 -1.01 54.64
C ILE C 384 -32.94 -0.32 55.30
N ILE C 385 -32.68 -0.59 56.58
CA ILE C 385 -31.64 0.19 57.24
C ILE C 385 -30.25 -0.25 56.80
N SER C 386 -29.99 -1.56 56.81
CA SER C 386 -28.73 -2.06 56.26
C SER C 386 -28.56 -1.59 54.83
N TRP C 387 -29.66 -1.58 54.08
CA TRP C 387 -29.65 -1.09 52.72
C TRP C 387 -29.15 0.33 52.64
N THR C 388 -29.75 1.19 53.44
CA THR C 388 -29.36 2.60 53.44
C THR C 388 -27.89 2.77 53.72
N LEU C 389 -27.37 2.02 54.70
CA LEU C 389 -25.95 2.13 54.98
C LEU C 389 -25.12 1.76 53.76
N ILE C 390 -25.48 0.66 53.09
CA ILE C 390 -24.71 0.27 51.91
C ILE C 390 -24.74 1.36 50.86
N VAL C 391 -25.93 1.85 50.52
CA VAL C 391 -26.00 2.81 49.42
C VAL C 391 -25.25 4.08 49.80
N ILE C 392 -25.31 4.49 51.05
CA ILE C 392 -24.65 5.74 51.39
C ILE C 392 -23.14 5.54 51.41
N LEU C 393 -22.66 4.35 51.77
CA LEU C 393 -21.22 4.13 51.72
C LEU C 393 -20.73 4.14 50.28
N SER C 394 -21.45 3.46 49.39
CA SER C 394 -21.07 3.46 47.99
C SER C 394 -21.08 4.87 47.43
N GLY C 395 -22.04 5.68 47.85
CA GLY C 395 -22.03 7.07 47.44
C GLY C 395 -20.83 7.80 48.00
N LEU C 396 -20.48 7.53 49.26
CA LEU C 396 -19.43 8.27 49.92
C LEU C 396 -18.08 8.03 49.28
N ASN C 397 -17.74 6.76 49.05
CA ASN C 397 -16.43 6.46 48.49
C ASN C 397 -16.18 7.21 47.20
N VAL C 398 -17.21 7.78 46.61
CA VAL C 398 -17.03 8.72 45.53
C VAL C 398 -16.63 10.06 46.11
N GLN D 1 4.82 -14.08 8.80
CA GLN D 1 3.67 -13.83 9.66
C GLN D 1 2.43 -13.52 8.83
N ARG D 2 1.55 -14.50 8.67
CA ARG D 2 0.35 -14.39 7.86
C ARG D 2 -0.88 -14.67 8.70
N GLN D 3 -2.03 -14.79 8.04
CA GLN D 3 -3.36 -14.95 8.61
C GLN D 3 -3.91 -13.63 9.09
N LEU D 4 -3.30 -12.51 8.73
CA LEU D 4 -3.97 -11.22 8.76
C LEU D 4 -4.05 -10.67 7.36
N VAL D 5 -5.09 -9.91 7.09
CA VAL D 5 -5.33 -9.41 5.75
C VAL D 5 -5.82 -7.98 5.81
N GLU D 6 -4.94 -7.03 5.54
CA GLU D 6 -5.38 -5.66 5.37
C GLU D 6 -6.09 -5.51 4.04
N SER D 7 -6.77 -4.39 3.87
CA SER D 7 -7.46 -4.14 2.61
C SER D 7 -7.98 -2.73 2.61
N GLY D 8 -7.93 -2.09 1.45
CA GLY D 8 -8.57 -0.80 1.30
C GLY D 8 -7.73 0.24 0.59
N GLY D 9 -6.45 -0.01 0.42
CA GLY D 9 -5.60 0.95 -0.23
C GLY D 9 -6.00 1.15 -1.68
N GLY D 10 -5.70 2.34 -2.18
CA GLY D 10 -6.00 2.65 -3.57
C GLY D 10 -5.64 4.10 -3.85
N LEU D 11 -5.43 4.38 -5.12
CA LEU D 11 -5.10 5.71 -5.57
C LEU D 11 -6.07 6.72 -4.98
N VAL D 12 -5.56 7.91 -4.66
CA VAL D 12 -6.41 8.97 -4.12
C VAL D 12 -5.78 10.34 -4.32
N GLN D 13 -6.56 11.28 -4.84
CA GLN D 13 -6.06 12.62 -5.10
C GLN D 13 -5.65 13.29 -3.79
N PRO D 14 -4.82 14.33 -3.84
CA PRO D 14 -4.41 15.00 -2.60
C PRO D 14 -5.61 15.57 -1.88
N GLY D 15 -5.69 15.29 -0.59
CA GLY D 15 -6.79 15.78 0.22
C GLY D 15 -8.00 14.89 0.28
N GLY D 16 -7.97 13.74 -0.38
CA GLY D 16 -9.01 12.75 -0.25
C GLY D 16 -8.90 12.04 1.07
N SER D 17 -9.63 10.92 1.18
CA SER D 17 -9.65 10.21 2.45
C SER D 17 -10.08 8.78 2.19
N LEU D 18 -9.68 7.89 3.10
CA LEU D 18 -10.02 6.48 2.92
C LEU D 18 -9.73 5.73 4.21
N ARG D 19 -10.30 4.54 4.32
CA ARG D 19 -10.34 3.79 5.56
C ARG D 19 -9.77 2.39 5.35
N LEU D 20 -8.57 2.18 5.84
CA LEU D 20 -7.98 0.85 5.82
C LEU D 20 -8.50 0.06 7.02
N SER D 21 -8.45 -1.26 6.90
CA SER D 21 -9.07 -2.13 7.88
C SER D 21 -8.25 -3.39 8.05
N CYS D 22 -7.44 -3.44 9.11
CA CYS D 22 -6.82 -4.70 9.49
C CYS D 22 -7.92 -5.68 9.86
N ALA D 23 -7.64 -6.95 9.77
CA ALA D 23 -8.71 -7.94 9.93
C ALA D 23 -8.13 -9.18 10.57
N ALA D 24 -8.89 -10.26 10.54
CA ALA D 24 -8.40 -11.54 10.99
C ALA D 24 -8.80 -12.59 9.96
N SER D 25 -8.15 -13.74 10.03
CA SER D 25 -8.39 -14.73 8.99
C SER D 25 -9.59 -15.61 9.27
N ARG D 26 -9.80 -16.03 10.52
CA ARG D 26 -10.97 -16.86 10.84
C ARG D 26 -11.22 -16.83 12.35
N SER D 27 -12.39 -16.30 12.73
CA SER D 27 -12.98 -16.49 14.05
C SER D 27 -11.97 -16.26 15.18
N ILE D 28 -11.51 -15.05 15.29
CA ILE D 28 -10.55 -14.70 16.32
C ILE D 28 -11.26 -14.07 17.49
N PHE D 29 -10.83 -14.44 18.71
CA PHE D 29 -11.56 -14.00 19.89
C PHE D 29 -11.37 -12.52 20.17
N SER D 30 -10.14 -12.02 20.12
CA SER D 30 -9.97 -10.62 20.49
C SER D 30 -8.65 -10.08 19.98
N ILE D 31 -8.61 -8.77 19.78
CA ILE D 31 -7.41 -8.07 19.35
C ILE D 31 -6.99 -7.17 20.51
N ASP D 32 -5.93 -7.56 21.21
CA ASP D 32 -5.49 -6.80 22.37
C ASP D 32 -5.00 -5.42 21.96
N THR D 33 -3.91 -5.35 21.21
CA THR D 33 -3.29 -4.08 20.88
C THR D 33 -2.90 -4.07 19.42
N ALA D 34 -3.38 -3.09 18.68
CA ALA D 34 -3.07 -2.97 17.26
C ALA D 34 -1.90 -2.04 17.07
N GLY D 35 -1.68 -1.62 15.83
CA GLY D 35 -0.67 -0.65 15.47
C GLY D 35 -0.47 -0.65 13.97
N TRP D 36 -0.33 0.53 13.36
CA TRP D 36 -0.24 0.62 11.92
C TRP D 36 1.10 1.24 11.54
N PHE D 37 1.88 0.50 10.78
CA PHE D 37 3.22 0.92 10.42
C PHE D 37 3.27 1.30 8.94
N ARG D 38 4.24 2.15 8.61
CA ARG D 38 4.42 2.69 7.29
C ARG D 38 5.85 2.43 6.84
N GLN D 39 6.04 2.09 5.57
CA GLN D 39 7.38 1.72 5.09
C GLN D 39 7.67 2.34 3.74
N ALA D 40 7.49 3.65 3.61
CA ALA D 40 7.71 4.38 2.37
C ALA D 40 9.03 4.01 1.71
N PRO D 41 9.17 4.16 0.40
CA PRO D 41 10.18 3.37 -0.32
C PRO D 41 11.61 3.77 -0.07
N GLY D 42 11.88 4.83 0.68
CA GLY D 42 13.27 5.19 0.87
C GLY D 42 13.62 5.42 2.33
N LYS D 43 12.84 4.85 3.23
CA LYS D 43 12.98 5.17 4.64
C LYS D 43 12.83 3.88 5.44
N GLU D 44 12.64 4.02 6.75
CA GLU D 44 12.49 2.87 7.63
C GLU D 44 11.06 2.77 8.12
N ARG D 45 10.72 1.59 8.63
CA ARG D 45 9.37 1.33 9.09
C ARG D 45 9.08 2.22 10.29
N GLU D 46 8.23 3.22 10.11
CA GLU D 46 8.09 4.27 11.12
C GLU D 46 7.16 3.89 12.25
N GLY D 47 5.88 3.70 11.96
CA GLY D 47 4.89 3.56 13.01
C GLY D 47 3.99 4.78 13.05
N VAL D 48 2.69 4.58 13.09
CA VAL D 48 1.77 5.70 12.92
C VAL D 48 0.75 5.82 14.03
N ALA D 49 0.36 4.71 14.64
CA ALA D 49 -0.73 4.77 15.61
C ALA D 49 -0.68 3.58 16.54
N THR D 50 -1.45 3.65 17.61
CA THR D 50 -1.45 2.58 18.60
C THR D 50 -2.71 2.66 19.44
N ILE D 51 -3.59 1.68 19.29
CA ILE D 51 -4.69 1.47 20.22
C ILE D 51 -4.16 0.60 21.33
N THR D 52 -4.88 0.49 22.43
CA THR D 52 -4.50 -0.46 23.48
C THR D 52 -5.68 -1.36 23.82
N ARG D 53 -5.54 -2.12 24.89
CA ARG D 53 -6.58 -3.07 25.30
C ARG D 53 -7.95 -2.40 25.33
N ASP D 54 -8.07 -1.33 26.10
CA ASP D 54 -9.34 -0.63 26.27
C ASP D 54 -9.46 0.54 25.29
N GLY D 55 -8.58 1.52 25.42
CA GLY D 55 -8.45 2.54 24.41
C GLY D 55 -7.41 3.58 24.79
N ASN D 56 -6.49 3.83 23.88
CA ASN D 56 -5.48 4.86 24.06
C ASN D 56 -5.23 5.71 22.83
N ALA D 57 -5.40 5.17 21.62
CA ALA D 57 -5.37 5.93 20.38
C ALA D 57 -4.13 6.82 20.27
N ASN D 58 -3.03 6.40 20.88
CA ASN D 58 -1.81 7.18 20.80
C ASN D 58 -1.34 7.28 19.36
N TYR D 59 -0.94 8.48 18.94
CA TYR D 59 -0.57 8.72 17.57
C TYR D 59 0.89 9.09 17.45
N ALA D 60 1.32 9.34 16.22
CA ALA D 60 2.63 9.92 15.98
C ALA D 60 2.54 11.42 16.22
N ASP D 61 3.64 12.13 15.96
CA ASP D 61 3.67 13.57 16.19
C ASP D 61 3.57 14.36 14.89
N SER D 62 3.35 13.68 13.77
CA SER D 62 3.18 14.34 12.50
C SER D 62 1.83 14.06 11.87
N VAL D 63 0.94 13.39 12.59
CA VAL D 63 -0.28 12.89 11.98
C VAL D 63 -1.52 13.30 12.73
N LYS D 64 -1.40 13.68 14.00
CA LYS D 64 -2.55 14.09 14.79
C LYS D 64 -3.32 15.17 14.04
N GLY D 65 -4.57 14.87 13.74
CA GLY D 65 -5.40 15.80 12.99
C GLY D 65 -5.95 15.16 11.74
N ARG D 66 -5.34 14.08 11.28
CA ARG D 66 -5.78 13.43 10.07
C ARG D 66 -6.10 11.95 10.26
N PHE D 67 -5.53 11.29 11.24
CA PHE D 67 -5.62 9.85 11.38
C PHE D 67 -6.42 9.52 12.62
N THR D 68 -7.47 8.72 12.47
CA THR D 68 -8.35 8.39 13.57
C THR D 68 -8.46 6.88 13.69
N ILE D 69 -7.58 6.29 14.49
CA ILE D 69 -7.69 4.86 14.73
C ILE D 69 -8.99 4.56 15.47
N SER D 70 -9.39 3.30 15.48
CA SER D 70 -10.59 2.89 16.16
C SER D 70 -10.56 1.38 16.34
N ARG D 71 -11.63 0.82 16.87
CA ARG D 71 -11.77 -0.62 16.92
C ARG D 71 -13.21 -0.98 16.66
N ASP D 72 -13.45 -2.25 16.35
CA ASP D 72 -14.80 -2.76 16.11
C ASP D 72 -14.90 -4.05 16.94
N ARG D 73 -15.31 -3.91 18.18
CA ARG D 73 -15.31 -5.06 19.06
C ARG D 73 -16.28 -6.12 18.61
N ALA D 74 -17.16 -5.81 17.66
CA ALA D 74 -18.17 -6.76 17.23
C ALA D 74 -17.58 -7.80 16.29
N ARG D 75 -17.03 -7.35 15.17
CA ARG D 75 -16.33 -8.20 14.23
C ARG D 75 -14.87 -7.78 14.28
N ASN D 76 -14.01 -8.62 14.87
CA ASN D 76 -12.72 -8.11 15.31
C ASN D 76 -11.95 -7.54 14.15
N THR D 77 -11.88 -6.20 14.09
CA THR D 77 -11.28 -5.51 12.97
C THR D 77 -10.82 -4.16 13.47
N VAL D 78 -9.53 -3.92 13.46
CA VAL D 78 -9.05 -2.57 13.69
C VAL D 78 -9.31 -1.74 12.44
N TYR D 79 -9.52 -0.45 12.64
CA TYR D 79 -9.76 0.45 11.53
C TYR D 79 -8.70 1.53 11.53
N LEU D 80 -8.63 2.27 10.43
CA LEU D 80 -7.76 3.42 10.35
C LEU D 80 -8.28 4.31 9.25
N GLN D 81 -8.87 5.44 9.60
CA GLN D 81 -9.41 6.36 8.61
C GLN D 81 -8.49 7.54 8.50
N MET D 82 -7.93 7.72 7.31
CA MET D 82 -7.06 8.85 7.03
C MET D 82 -7.87 9.88 6.26
N ASN D 83 -7.73 11.13 6.66
CA ASN D 83 -8.57 12.19 6.13
C ASN D 83 -7.70 13.36 5.70
N SER D 84 -8.04 13.94 4.54
CA SER D 84 -7.29 15.04 3.94
C SER D 84 -5.84 14.64 3.70
N LEU D 85 -5.69 13.67 2.81
CA LEU D 85 -4.38 13.09 2.55
C LEU D 85 -3.45 14.07 1.87
N GLU D 86 -2.16 13.76 1.92
CA GLU D 86 -1.11 14.61 1.40
C GLU D 86 -0.08 13.80 0.63
N PRO D 87 0.64 14.43 -0.31
CA PRO D 87 1.60 13.69 -1.13
C PRO D 87 2.81 13.17 -0.38
N GLU D 88 2.87 13.32 0.93
CA GLU D 88 3.97 12.79 1.72
C GLU D 88 3.56 11.57 2.51
N ASP D 89 2.33 11.09 2.32
CA ASP D 89 1.83 9.93 3.03
C ASP D 89 1.76 8.71 2.15
N THR D 90 2.44 8.74 1.01
CA THR D 90 2.50 7.59 0.13
C THR D 90 3.43 6.56 0.76
N ALA D 91 2.91 5.35 0.97
CA ALA D 91 3.70 4.24 1.47
C ALA D 91 2.79 3.03 1.55
N VAL D 92 3.37 1.90 1.88
CA VAL D 92 2.58 0.70 2.19
C VAL D 92 2.34 0.67 3.69
N TYR D 93 1.12 0.40 4.09
CA TYR D 93 0.70 0.57 5.48
C TYR D 93 0.47 -0.79 6.14
N TYR D 94 1.50 -1.30 6.80
CA TYR D 94 1.44 -2.59 7.46
C TYR D 94 0.49 -2.55 8.65
N CYS D 95 0.11 -3.72 9.14
CA CYS D 95 -0.69 -3.84 10.35
C CYS D 95 -0.03 -4.79 11.32
N ASN D 96 -0.03 -4.43 12.59
CA ASN D 96 0.42 -5.29 13.68
C ASN D 96 -0.77 -5.73 14.50
N ALA D 97 -0.57 -6.73 15.35
CA ALA D 97 -1.68 -7.23 16.14
C ALA D 97 -1.13 -7.97 17.35
N ALA D 98 -2.05 -8.34 18.24
CA ALA D 98 -1.72 -9.10 19.44
C ALA D 98 -2.75 -10.20 19.64
N ILE D 99 -3.04 -10.93 18.57
CA ILE D 99 -4.15 -11.87 18.56
C ILE D 99 -4.09 -12.84 19.73
N ARG D 100 -5.26 -13.19 20.25
CA ARG D 100 -5.43 -14.24 21.24
C ARG D 100 -6.55 -15.14 20.75
N THR D 101 -6.23 -16.40 20.45
CA THR D 101 -7.19 -17.26 19.77
C THR D 101 -8.41 -17.53 20.62
N THR D 102 -8.23 -18.20 21.76
CA THR D 102 -9.34 -18.60 22.61
C THR D 102 -9.20 -17.97 23.98
N VAL D 103 -10.29 -18.04 24.75
CA VAL D 103 -10.44 -17.21 25.94
C VAL D 103 -9.42 -17.50 27.01
N ARG D 104 -8.59 -18.51 26.85
CA ARG D 104 -7.60 -18.83 27.87
C ARG D 104 -6.19 -19.02 27.34
N THR D 105 -6.01 -19.21 26.04
CA THR D 105 -4.66 -19.31 25.50
C THR D 105 -3.96 -17.97 25.57
N SER D 106 -2.67 -17.99 25.90
CA SER D 106 -1.91 -16.76 26.02
C SER D 106 -1.86 -16.03 24.68
N ALA D 107 -1.42 -14.79 24.73
CA ALA D 107 -1.36 -13.95 23.55
C ALA D 107 -0.30 -14.46 22.59
N GLN D 108 -0.20 -13.82 21.44
CA GLN D 108 0.74 -14.22 20.41
C GLN D 108 0.76 -13.17 19.33
N GLU D 109 1.95 -12.80 18.88
CA GLU D 109 2.07 -11.75 17.89
C GLU D 109 1.51 -12.18 16.55
N TYR D 110 1.50 -11.22 15.63
CA TYR D 110 1.12 -11.40 14.23
C TYR D 110 1.47 -10.16 13.42
N TRP D 111 2.10 -10.33 12.28
CA TRP D 111 2.29 -9.23 11.35
C TRP D 111 1.44 -9.45 10.12
N GLY D 112 1.24 -8.38 9.37
CA GLY D 112 0.43 -8.41 8.20
C GLY D 112 1.25 -8.50 6.93
N LYS D 113 0.60 -8.20 5.81
CA LYS D 113 1.27 -8.06 4.54
C LYS D 113 1.15 -6.65 4.00
N GLY D 114 0.18 -5.91 4.47
CA GLY D 114 0.13 -4.51 4.13
C GLY D 114 -0.47 -4.27 2.76
N THR D 115 -0.76 -3.01 2.51
CA THR D 115 -1.39 -2.56 1.28
C THR D 115 -0.78 -1.24 0.87
N PRO D 116 -0.77 -0.94 -0.43
CA PRO D 116 -0.19 0.31 -0.90
C PRO D 116 -1.21 1.43 -0.88
N VAL D 117 -0.70 2.65 -0.86
CA VAL D 117 -1.52 3.84 -0.90
C VAL D 117 -0.75 4.92 -1.64
N THR D 118 -1.30 5.39 -2.76
CA THR D 118 -0.65 6.38 -3.60
C THR D 118 -1.45 7.66 -3.60
N VAL D 119 -0.77 8.80 -3.54
CA VAL D 119 -1.42 10.10 -3.53
C VAL D 119 -0.75 10.99 -4.56
N SER D 120 -1.53 11.45 -5.52
CA SER D 120 -1.00 12.20 -6.65
C SER D 120 -2.15 12.73 -7.47
N SER D 121 -1.82 13.54 -8.47
CA SER D 121 -2.83 14.05 -9.38
C SER D 121 -3.31 12.97 -10.35
N VAL E 4 9.00 8.91 -57.85
CA VAL E 4 9.05 9.94 -56.81
C VAL E 4 9.52 11.26 -57.38
N GLN E 5 8.80 12.33 -57.02
CA GLN E 5 9.13 13.66 -57.50
C GLN E 5 9.13 14.64 -56.33
N LEU E 6 10.09 15.56 -56.35
CA LEU E 6 10.13 16.67 -55.41
C LEU E 6 10.09 17.97 -56.18
N GLN E 7 9.41 18.97 -55.65
CA GLN E 7 9.32 20.26 -56.32
C GLN E 7 9.47 21.37 -55.29
N GLU E 8 10.58 22.13 -55.37
CA GLU E 8 10.76 23.30 -54.51
C GLU E 8 10.06 24.52 -55.10
N SER E 9 9.57 25.37 -54.21
CA SER E 9 9.05 26.67 -54.57
C SER E 9 9.32 27.64 -53.44
N GLY E 10 8.99 28.89 -53.70
CA GLY E 10 9.08 29.95 -52.72
C GLY E 10 10.35 30.81 -52.76
N GLY E 11 11.23 30.60 -53.72
CA GLY E 11 12.46 31.37 -53.79
C GLY E 11 12.14 32.74 -54.37
N GLY E 12 13.16 33.46 -54.64
CA GLY E 12 13.01 34.73 -55.28
C GLY E 12 14.04 35.68 -54.77
N LEU E 13 13.86 36.95 -55.15
CA LEU E 13 14.78 38.01 -54.81
C LEU E 13 14.27 38.67 -53.53
N VAL E 14 15.14 38.84 -52.57
CA VAL E 14 14.70 39.31 -51.28
C VAL E 14 15.78 40.22 -50.73
N GLN E 15 15.38 41.21 -49.93
CA GLN E 15 16.37 42.14 -49.45
C GLN E 15 17.07 41.59 -48.21
N PRO E 16 18.28 42.08 -47.94
CA PRO E 16 19.00 41.64 -46.74
C PRO E 16 18.18 41.95 -45.51
N GLY E 17 18.15 41.01 -44.57
CA GLY E 17 17.27 41.13 -43.44
C GLY E 17 15.87 40.62 -43.67
N GLY E 18 15.50 40.32 -44.92
CA GLY E 18 14.15 39.93 -45.24
C GLY E 18 13.90 38.44 -45.02
N SER E 19 12.69 38.02 -45.37
CA SER E 19 12.21 36.68 -45.12
C SER E 19 11.63 36.05 -46.37
N LEU E 20 11.84 34.74 -46.50
CA LEU E 20 11.19 33.90 -47.48
C LEU E 20 10.80 32.59 -46.79
N ARG E 21 9.83 31.89 -47.37
CA ARG E 21 9.55 30.53 -46.95
C ARG E 21 9.56 29.62 -48.16
N LEU E 22 10.52 28.70 -48.19
CA LEU E 22 10.61 27.71 -49.24
C LEU E 22 9.69 26.55 -48.88
N SER E 23 9.13 25.95 -49.92
CA SER E 23 8.30 24.75 -49.78
C SER E 23 8.86 23.68 -50.72
N CYS E 24 8.71 22.45 -50.30
CA CYS E 24 9.11 21.29 -51.09
C CYS E 24 7.95 20.31 -51.02
N ALA E 25 7.29 20.11 -52.16
CA ALA E 25 6.16 19.20 -52.29
C ALA E 25 6.62 17.88 -52.91
N ALA E 26 6.30 16.79 -52.23
CA ALA E 26 6.70 15.46 -52.65
C ALA E 26 5.50 14.73 -53.23
N SER E 27 5.73 13.99 -54.30
CA SER E 27 4.74 13.10 -54.85
C SER E 27 5.38 11.74 -55.10
N GLY E 28 4.56 10.69 -55.01
CA GLY E 28 5.02 9.33 -55.20
C GLY E 28 5.69 8.74 -54.00
N ARG E 29 5.53 9.35 -52.84
CA ARG E 29 6.22 8.88 -51.63
C ARG E 29 5.57 9.59 -50.46
N THR E 30 5.29 8.84 -49.42
CA THR E 30 4.76 9.40 -48.20
C THR E 30 5.93 9.88 -47.37
N ILE E 31 6.01 11.19 -47.11
CA ILE E 31 7.18 11.74 -46.44
C ILE E 31 7.17 11.49 -44.95
N SER E 32 6.02 11.12 -44.37
CA SER E 32 5.87 11.02 -42.92
C SER E 32 6.91 10.08 -42.30
N ARG E 33 7.35 9.07 -43.04
CA ARG E 33 8.30 8.11 -42.49
C ARG E 33 9.74 8.53 -42.67
N TYR E 34 10.00 9.63 -43.39
CA TYR E 34 11.36 9.96 -43.80
C TYR E 34 11.78 11.35 -43.35
N ALA E 35 13.06 11.48 -43.01
CA ALA E 35 13.63 12.80 -42.89
C ALA E 35 13.66 13.48 -44.25
N MET E 36 13.50 14.80 -44.21
CA MET E 36 13.50 15.66 -45.37
C MET E 36 14.55 16.73 -45.14
N SER E 37 15.45 16.90 -46.10
CA SER E 37 16.53 17.86 -45.94
C SER E 37 16.54 18.96 -47.00
N TRP E 38 17.11 20.08 -46.60
CA TRP E 38 17.40 21.21 -47.49
C TRP E 38 18.90 21.34 -47.62
N PHE E 39 19.36 21.49 -48.85
CA PHE E 39 20.70 21.82 -49.27
C PHE E 39 20.66 23.08 -50.14
N ARG E 40 21.83 23.66 -50.34
CA ARG E 40 21.90 24.82 -51.22
C ARG E 40 23.24 24.76 -51.94
N GLN E 41 23.25 25.36 -53.11
CA GLN E 41 24.47 25.39 -53.90
C GLN E 41 24.59 26.75 -54.52
N ALA E 42 25.63 27.44 -54.16
CA ALA E 42 26.02 28.63 -54.85
C ALA E 42 26.85 28.24 -56.08
N PRO E 43 26.78 29.02 -57.16
CA PRO E 43 27.45 28.60 -58.42
C PRO E 43 28.92 28.33 -58.22
N GLY E 44 29.35 27.17 -58.67
CA GLY E 44 30.73 26.79 -58.59
C GLY E 44 31.11 26.13 -57.30
N LYS E 45 30.26 26.17 -56.29
CA LYS E 45 30.57 25.65 -54.97
C LYS E 45 29.92 24.30 -54.80
N GLU E 46 30.32 23.61 -53.75
CA GLU E 46 29.72 22.30 -53.53
C GLU E 46 28.35 22.49 -52.90
N ARG E 47 27.49 21.53 -53.14
CA ARG E 47 26.14 21.55 -52.60
C ARG E 47 26.25 21.29 -51.11
N GLU E 48 25.75 22.20 -50.31
CA GLU E 48 26.04 22.13 -48.89
C GLU E 48 24.77 22.01 -48.09
N PHE E 49 24.90 21.33 -46.99
CA PHE E 49 23.79 21.06 -46.10
C PHE E 49 23.27 22.35 -45.47
N VAL E 50 21.95 22.43 -45.37
CA VAL E 50 21.27 23.54 -44.70
C VAL E 50 20.51 23.08 -43.47
N ALA E 51 19.60 22.12 -43.62
CA ALA E 51 18.73 21.74 -42.52
C ALA E 51 18.10 20.40 -42.81
N VAL E 52 17.72 19.70 -41.74
CA VAL E 52 16.97 18.43 -41.87
C VAL E 52 15.87 18.42 -40.84
N ALA E 53 14.66 18.08 -41.28
CA ALA E 53 13.55 17.80 -40.41
C ALA E 53 13.38 16.29 -40.37
N ARG E 54 13.70 15.69 -39.23
CA ARG E 54 13.45 14.26 -39.12
C ARG E 54 11.95 14.04 -38.87
N ARG E 55 11.54 12.76 -38.71
CA ARG E 55 10.15 12.50 -38.41
C ARG E 55 9.72 13.30 -37.18
N SER E 56 8.41 13.62 -37.10
CA SER E 56 7.86 14.33 -35.95
C SER E 56 8.38 13.76 -34.64
N GLY E 57 8.91 14.62 -33.78
CA GLY E 57 9.51 14.16 -32.54
C GLY E 57 10.98 13.82 -32.58
N ASP E 58 11.57 13.60 -33.75
CA ASP E 58 12.97 13.19 -33.84
C ASP E 58 13.93 14.34 -34.09
N GLY E 59 13.43 15.54 -34.18
CA GLY E 59 14.26 16.72 -34.11
C GLY E 59 14.60 17.28 -35.49
N ALA E 60 14.97 18.53 -35.49
CA ALA E 60 15.50 19.20 -36.64
C ALA E 60 16.93 19.58 -36.35
N PHE E 61 17.77 19.51 -37.38
CA PHE E 61 19.17 19.84 -37.26
C PHE E 61 19.58 20.81 -38.36
N TYR E 62 20.61 21.60 -38.08
CA TYR E 62 20.97 22.75 -38.90
C TYR E 62 22.45 22.91 -39.12
N ALA E 63 22.78 23.52 -40.25
CA ALA E 63 24.14 23.94 -40.52
C ALA E 63 24.50 25.14 -39.67
N ASP E 64 25.81 25.26 -39.41
CA ASP E 64 26.37 26.40 -38.69
C ASP E 64 25.90 27.73 -39.25
N SER E 65 25.88 27.85 -40.56
CA SER E 65 25.67 29.15 -41.20
C SER E 65 24.24 29.66 -41.07
N VAL E 66 23.29 28.81 -40.72
CA VAL E 66 21.88 29.20 -40.75
C VAL E 66 21.19 29.04 -39.43
N GLN E 67 21.87 28.47 -38.46
CA GLN E 67 21.33 28.24 -37.14
C GLN E 67 20.80 29.54 -36.58
N GLY E 68 19.58 29.49 -36.07
CA GLY E 68 18.94 30.59 -35.46
C GLY E 68 18.07 31.40 -36.41
N ARG E 69 18.39 31.41 -37.70
CA ARG E 69 17.67 32.23 -38.66
C ARG E 69 16.71 31.43 -39.51
N PHE E 70 17.08 30.20 -39.81
CA PHE E 70 16.23 29.33 -40.59
C PHE E 70 15.58 28.29 -39.71
N THR E 71 14.36 27.92 -40.09
CA THR E 71 13.62 26.87 -39.40
C THR E 71 12.98 25.92 -40.40
N VAL E 72 13.25 24.62 -40.28
CA VAL E 72 12.63 23.61 -41.11
C VAL E 72 11.40 23.10 -40.39
N SER E 73 10.34 22.83 -41.13
CA SER E 73 9.12 22.29 -40.54
C SER E 73 8.42 21.43 -41.58
N ARG E 74 7.46 20.67 -41.11
CA ARG E 74 6.89 19.57 -41.90
C ARG E 74 5.37 19.68 -41.90
N ASP E 75 4.75 19.37 -43.05
CA ASP E 75 3.31 19.12 -43.15
C ASP E 75 3.18 17.70 -43.75
N ASP E 76 3.17 16.69 -42.86
CA ASP E 76 3.13 15.31 -43.29
C ASP E 76 1.87 15.02 -44.09
N ALA E 77 0.76 15.59 -43.65
CA ALA E 77 -0.49 15.35 -44.32
C ALA E 77 -0.45 15.77 -45.77
N LYS E 78 0.29 16.81 -46.08
CA LYS E 78 0.34 17.32 -47.44
C LYS E 78 1.65 16.99 -48.12
N ASN E 79 2.44 16.09 -47.55
CA ASN E 79 3.71 15.66 -48.12
C ASN E 79 4.57 16.84 -48.55
N THR E 80 4.65 17.82 -47.68
CA THR E 80 5.38 19.06 -47.93
C THR E 80 6.27 19.42 -46.74
N VAL E 81 7.49 19.88 -47.02
CA VAL E 81 8.39 20.37 -45.97
C VAL E 81 8.71 21.82 -46.31
N TYR E 82 9.10 22.57 -45.29
CA TYR E 82 9.24 24.01 -45.41
C TYR E 82 10.58 24.43 -44.85
N LEU E 83 11.12 25.50 -45.42
CA LEU E 83 12.26 26.20 -44.84
C LEU E 83 11.92 27.66 -44.70
N GLN E 84 11.69 28.08 -43.48
CA GLN E 84 11.40 29.46 -43.14
C GLN E 84 12.74 30.14 -42.96
N MET E 85 13.01 31.12 -43.80
CA MET E 85 14.30 31.81 -43.83
CA MET E 85 14.30 31.80 -43.84
C MET E 85 14.10 33.26 -43.42
N ASN E 86 14.59 33.60 -42.23
CA ASN E 86 14.56 34.96 -41.76
C ASN E 86 15.95 35.55 -41.70
N SER E 87 15.98 36.87 -41.57
CA SER E 87 17.21 37.60 -41.38
C SER E 87 18.20 37.25 -42.48
N LEU E 88 17.71 37.27 -43.72
CA LEU E 88 18.50 36.70 -44.82
C LEU E 88 19.76 37.54 -45.09
N LYS E 89 20.83 36.87 -45.48
CA LYS E 89 22.13 37.50 -45.75
C LYS E 89 22.49 37.32 -47.20
N PRO E 90 23.30 38.22 -47.76
CA PRO E 90 23.82 38.00 -49.11
C PRO E 90 24.42 36.63 -49.30
N GLU E 91 25.14 36.15 -48.28
CA GLU E 91 25.80 34.86 -48.27
C GLU E 91 24.83 33.70 -48.42
N ASP E 92 23.53 33.93 -48.17
CA ASP E 92 22.54 32.87 -48.36
C ASP E 92 22.10 32.69 -49.81
N THR E 93 22.53 33.55 -50.73
CA THR E 93 22.16 33.42 -52.14
C THR E 93 22.68 32.09 -52.70
N ALA E 94 21.78 31.32 -53.29
CA ALA E 94 22.06 29.96 -53.77
C ALA E 94 20.80 29.42 -54.42
N VAL E 95 20.97 28.31 -55.12
CA VAL E 95 19.86 27.44 -55.43
C VAL E 95 19.65 26.53 -54.24
N TYR E 96 18.44 26.49 -53.76
CA TYR E 96 18.04 25.61 -52.66
C TYR E 96 17.32 24.37 -53.18
N TYR E 97 17.71 23.24 -52.62
CA TYR E 97 17.23 21.93 -53.03
C TYR E 97 16.67 21.18 -51.83
N CYS E 98 15.62 20.45 -52.06
CA CYS E 98 15.10 19.51 -51.08
CA CYS E 98 15.20 19.52 -51.04
C CYS E 98 15.47 18.09 -51.48
N ALA E 99 15.69 17.23 -50.49
CA ALA E 99 15.99 15.81 -50.74
C ALA E 99 15.30 14.97 -49.68
N ILE E 100 14.85 13.78 -50.06
CA ILE E 100 14.31 12.81 -49.12
C ILE E 100 15.43 11.90 -48.65
N ASP E 101 15.52 11.67 -47.34
CA ASP E 101 16.39 10.63 -46.81
C ASP E 101 15.60 9.31 -46.85
N SER E 102 15.96 8.44 -47.78
CA SER E 102 15.32 7.15 -47.96
C SER E 102 15.57 6.19 -46.83
N ASP E 103 16.54 6.45 -45.96
CA ASP E 103 16.86 5.59 -44.82
C ASP E 103 16.08 6.09 -43.61
N THR E 104 15.13 5.29 -43.14
CA THR E 104 14.36 5.73 -41.98
C THR E 104 15.20 5.75 -40.71
N PHE E 105 16.37 5.15 -40.74
CA PHE E 105 17.32 5.26 -39.64
C PHE E 105 18.24 6.48 -39.77
N TYR E 106 18.01 7.33 -40.77
CA TYR E 106 18.57 8.69 -40.80
C TYR E 106 20.04 8.80 -41.22
N SER E 107 20.55 7.86 -42.00
CA SER E 107 21.93 7.91 -42.45
C SER E 107 22.13 8.74 -43.72
N GLY E 108 21.10 9.47 -44.20
CA GLY E 108 21.30 10.36 -45.34
C GLY E 108 21.40 9.63 -46.68
N SER E 109 20.50 8.71 -46.93
CA SER E 109 20.47 8.01 -48.21
C SER E 109 19.58 8.86 -49.13
N TYR E 110 20.19 9.91 -49.71
CA TYR E 110 19.40 10.91 -50.48
C TYR E 110 19.26 10.46 -51.94
N ASP E 111 18.24 9.67 -52.21
CA ASP E 111 18.05 9.16 -53.55
C ASP E 111 17.24 10.10 -54.43
N TYR E 112 16.30 10.84 -53.85
CA TYR E 112 15.44 11.73 -54.65
C TYR E 112 15.68 13.18 -54.27
N TRP E 113 15.82 14.03 -55.30
CA TRP E 113 16.16 15.44 -55.18
C TRP E 113 15.16 16.24 -56.02
N GLY E 114 14.86 17.44 -55.56
CA GLY E 114 14.13 18.38 -56.37
C GLY E 114 15.06 19.04 -57.37
N GLN E 115 14.45 19.87 -58.24
CA GLN E 115 15.15 20.67 -59.23
C GLN E 115 15.72 21.96 -58.68
N GLY E 116 15.26 22.39 -57.51
CA GLY E 116 15.85 23.58 -56.90
C GLY E 116 15.03 24.82 -57.13
N THR E 117 15.21 25.77 -56.23
CA THR E 117 14.58 27.08 -56.35
C THR E 117 15.60 28.13 -55.99
N GLN E 118 15.70 29.17 -56.82
CA GLN E 118 16.71 30.19 -56.63
C GLN E 118 16.30 31.17 -55.53
N VAL E 119 17.25 31.46 -54.63
CA VAL E 119 17.15 32.49 -53.63
C VAL E 119 18.27 33.49 -53.86
N THR E 120 17.91 34.74 -54.04
CA THR E 120 18.86 35.81 -54.23
C THR E 120 18.60 36.87 -53.19
N VAL E 121 19.60 37.10 -52.34
CA VAL E 121 19.52 38.10 -51.27
C VAL E 121 20.43 39.23 -51.66
N SER E 122 19.81 40.33 -52.07
CA SER E 122 20.52 41.55 -52.40
C SER E 122 19.52 42.68 -52.42
N SER E 123 20.02 43.90 -52.28
CA SER E 123 19.14 45.06 -52.36
C SER E 123 19.03 45.59 -53.80
#